data_5E9W
#
_entry.id   5E9W
#
_cell.length_a   77.458
_cell.length_b   99.157
_cell.length_c   167.614
_cell.angle_alpha   90.00
_cell.angle_beta   90.00
_cell.angle_gamma   90.00
#
_symmetry.space_group_name_H-M   'P 21 21 21'
#
loop_
_entity.id
_entity.type
_entity.pdbx_description
1 polymer 'mRNA cap guanine-N7 methyltransferase'
2 non-polymer S-ADENOSYL-L-HOMOCYSTEINE
3 water water
#
_entity_poly.entity_id   1
_entity_poly.type   'polypeptide(L)'
_entity_poly.pdbx_seq_one_letter_code
;SQSRIFYLRNFNNWMKSVLIGEFLEKVRQKKKRDITVLDLGCGKGGDLLKWKKGRINKLVCTDIADVSVKQCQQRYEDMK
NRRDSEYIFSAEFITADSSKELLIDKFRDPQMCFDICSCQFVCHYSFESYEQADMMLRNACERLSPGGYFIGTTPNSFEL
IRRLEASETESFGNEIYTVKFQKKGDYPLFGCKYDFNLEGVVDVPEFLVYFPLLNEMAKKYNMKLVYKKTFLEFYEEKIK
NNENKMLLKRMQALEPYPANESSKLVSEKVDDYEHAAKYMKNSQVRLPLGTLSKSEWEATSIYLVFAFEKQQ
;
_entity_poly.pdbx_strand_id   A,B,C,D
#
loop_
_chem_comp.id
_chem_comp.type
_chem_comp.name
_chem_comp.formula
SAH non-polymer S-ADENOSYL-L-HOMOCYSTEINE 'C14 H20 N6 O5 S'
#
# COMPACT_ATOMS: atom_id res chain seq x y z
N SER A 3 6.85 -15.34 -0.48
CA SER A 3 7.69 -14.41 -1.23
C SER A 3 8.23 -13.35 -0.28
N ARG A 4 7.37 -12.35 -0.05
CA ARG A 4 7.64 -11.20 0.81
C ARG A 4 7.98 -11.51 2.27
N ILE A 5 7.15 -12.33 2.89
CA ILE A 5 7.37 -12.81 4.24
C ILE A 5 7.62 -14.33 4.36
N PHE A 6 7.85 -15.00 3.23
CA PHE A 6 8.18 -16.44 3.23
C PHE A 6 9.27 -16.84 4.22
N TYR A 7 10.36 -16.07 4.29
CA TYR A 7 11.44 -16.48 5.18
C TYR A 7 11.04 -16.24 6.63
N LEU A 8 10.23 -15.22 6.87
CA LEU A 8 9.73 -14.90 8.21
C LEU A 8 8.83 -16.02 8.73
N ARG A 9 7.92 -16.46 7.86
CA ARG A 9 7.03 -17.55 8.16
C ARG A 9 7.83 -18.80 8.37
N ASN A 10 8.84 -18.98 7.53
CA ASN A 10 9.62 -20.18 7.63
C ASN A 10 10.23 -20.26 8.99
N PHE A 11 10.79 -19.13 9.39
CA PHE A 11 11.47 -18.98 10.65
C PHE A 11 10.56 -19.25 11.84
N ASN A 12 9.35 -18.70 11.81
CA ASN A 12 8.36 -18.94 12.85
C ASN A 12 8.07 -20.42 12.97
N ASN A 13 7.94 -21.08 11.84
CA ASN A 13 7.70 -22.52 11.82
C ASN A 13 8.86 -23.25 12.45
N TRP A 14 10.07 -22.77 12.19
CA TRP A 14 11.24 -23.40 12.76
C TRP A 14 11.26 -23.20 14.27
N MET A 15 10.91 -22.00 14.72
CA MET A 15 10.83 -21.71 16.15
C MET A 15 9.84 -22.64 16.84
N LYS A 16 8.65 -22.77 16.27
CA LYS A 16 7.64 -23.64 16.82
C LYS A 16 8.11 -25.10 16.84
N SER A 17 8.74 -25.53 15.76
CA SER A 17 9.25 -26.89 15.65
C SER A 17 10.18 -27.27 16.79
N VAL A 18 11.14 -26.40 17.08
CA VAL A 18 12.14 -26.64 18.11
C VAL A 18 11.53 -26.55 19.52
N LEU A 19 10.60 -25.63 19.72
CA LEU A 19 9.88 -25.52 20.98
C LEU A 19 9.05 -26.78 21.25
N ILE A 20 8.23 -27.15 20.27
CA ILE A 20 7.39 -28.31 20.35
C ILE A 20 8.28 -29.53 20.55
N GLY A 21 9.38 -29.56 19.80
CA GLY A 21 10.35 -30.63 19.91
C GLY A 21 10.93 -30.79 21.31
N GLU A 22 11.30 -29.68 21.91
CA GLU A 22 11.93 -29.73 23.22
C GLU A 22 11.01 -30.33 24.28
N PHE A 23 9.75 -29.90 24.28
CA PHE A 23 8.84 -30.31 25.36
C PHE A 23 8.16 -31.66 25.10
N LEU A 24 8.13 -32.11 23.85
CA LEU A 24 7.70 -33.46 23.56
C LEU A 24 8.70 -34.44 24.17
N GLU A 25 9.98 -34.07 24.13
CA GLU A 25 11.00 -34.95 24.67
C GLU A 25 10.95 -34.96 26.18
N LYS A 26 10.71 -33.79 26.76
CA LYS A 26 10.57 -33.68 28.21
C LYS A 26 9.39 -34.49 28.71
N VAL A 27 8.28 -34.42 27.99
CA VAL A 27 7.12 -35.22 28.36
C VAL A 27 7.47 -36.70 28.29
N ARG A 28 8.17 -37.11 27.24
CA ARG A 28 8.54 -38.51 27.09
C ARG A 28 9.60 -38.97 28.12
N GLN A 29 10.46 -38.07 28.57
CA GLN A 29 11.48 -38.46 29.54
C GLN A 29 10.92 -38.62 30.96
N LYS A 30 9.71 -38.12 31.16
CA LYS A 30 8.98 -38.36 32.40
C LYS A 30 8.21 -39.68 32.32
N LYS A 31 8.57 -40.48 31.32
CA LYS A 31 7.98 -41.79 31.03
C LYS A 31 6.53 -41.76 30.58
N LYS A 32 6.16 -40.73 29.82
CA LYS A 32 4.80 -40.67 29.27
C LYS A 32 4.81 -41.27 27.87
N ARG A 33 4.13 -42.41 27.71
CA ARG A 33 4.18 -43.15 26.45
C ARG A 33 3.27 -42.53 25.38
N ASP A 34 1.97 -42.57 25.62
CA ASP A 34 1.00 -42.06 24.67
C ASP A 34 0.66 -40.59 24.93
N ILE A 35 1.10 -39.70 24.04
CA ILE A 35 0.97 -38.26 24.23
C ILE A 35 -0.33 -37.64 23.73
N THR A 36 -0.99 -36.88 24.61
CA THR A 36 -2.22 -36.18 24.25
C THR A 36 -2.01 -34.68 24.27
N VAL A 37 -2.42 -33.99 23.20
CA VAL A 37 -2.08 -32.58 23.03
C VAL A 37 -3.28 -31.72 22.68
N LEU A 38 -3.39 -30.57 23.33
CA LEU A 38 -4.36 -29.55 22.96
C LEU A 38 -3.67 -28.41 22.20
N ASP A 39 -4.04 -28.21 20.95
CA ASP A 39 -3.52 -27.11 20.15
C ASP A 39 -4.58 -26.03 20.12
N LEU A 40 -4.35 -24.99 20.90
CA LEU A 40 -5.36 -23.97 21.18
C LEU A 40 -5.18 -22.78 20.25
N GLY A 41 -6.18 -22.52 19.41
CA GLY A 41 -6.03 -21.54 18.36
C GLY A 41 -5.21 -22.12 17.21
N CYS A 42 -5.62 -23.31 16.77
CA CYS A 42 -4.86 -24.13 15.84
C CYS A 42 -4.75 -23.53 14.44
N GLY A 43 -5.59 -22.56 14.13
CA GLY A 43 -5.62 -21.99 12.80
C GLY A 43 -5.90 -23.04 11.72
N LYS A 44 -5.20 -22.95 10.59
CA LYS A 44 -5.49 -23.82 9.47
C LYS A 44 -4.67 -25.12 9.51
N GLY A 45 -3.99 -25.37 10.63
CA GLY A 45 -3.25 -26.61 10.79
C GLY A 45 -1.78 -26.55 10.44
N GLY A 46 -1.17 -25.36 10.60
CA GLY A 46 0.23 -25.20 10.30
C GLY A 46 1.14 -26.07 11.17
N ASP A 47 0.63 -26.54 12.31
CA ASP A 47 1.45 -27.38 13.19
C ASP A 47 1.10 -28.89 13.11
N LEU A 48 0.14 -29.26 12.26
CA LEU A 48 -0.26 -30.66 12.15
C LEU A 48 0.92 -31.59 11.91
N LEU A 49 1.79 -31.23 10.99
CA LEU A 49 2.92 -32.07 10.61
C LEU A 49 3.97 -32.14 11.72
N LYS A 50 4.07 -31.08 12.53
CA LYS A 50 4.97 -31.08 13.67
C LYS A 50 4.50 -32.10 14.70
N TRP A 51 3.19 -32.16 14.93
CA TRP A 51 2.64 -33.13 15.88
C TRP A 51 2.72 -34.54 15.32
N LYS A 52 2.61 -34.66 14.00
CA LYS A 52 2.68 -35.99 13.41
C LYS A 52 4.08 -36.54 13.57
N LYS A 53 5.09 -35.71 13.41
CA LYS A 53 6.44 -36.21 13.56
C LYS A 53 6.92 -36.25 15.00
N GLY A 54 6.13 -35.67 15.90
CA GLY A 54 6.36 -35.84 17.30
C GLY A 54 5.77 -37.15 17.76
N ARG A 55 5.08 -37.83 16.84
CA ARG A 55 4.52 -39.15 17.11
C ARG A 55 3.52 -39.18 18.29
N ILE A 56 2.70 -38.14 18.43
CA ILE A 56 1.71 -38.11 19.51
C ILE A 56 0.51 -39.02 19.17
N ASN A 57 -0.25 -39.43 20.18
CA ASN A 57 -1.41 -40.29 19.91
C ASN A 57 -2.74 -39.55 19.68
N LYS A 58 -2.97 -38.46 20.39
CA LYS A 58 -4.24 -37.74 20.20
C LYS A 58 -4.06 -36.22 20.27
N LEU A 59 -4.71 -35.54 19.33
CA LEU A 59 -4.66 -34.11 19.21
C LEU A 59 -6.05 -33.53 19.19
N VAL A 60 -6.25 -32.46 19.94
CA VAL A 60 -7.45 -31.66 19.85
C VAL A 60 -7.08 -30.33 19.23
N CYS A 61 -7.66 -30.04 18.07
CA CYS A 61 -7.46 -28.77 17.38
C CYS A 61 -8.68 -27.89 17.58
N THR A 62 -8.47 -26.69 18.10
CA THR A 62 -9.57 -25.78 18.32
C THR A 62 -9.22 -24.35 17.93
N ASP A 63 -10.21 -23.61 17.45
CA ASP A 63 -10.01 -22.24 17.02
C ASP A 63 -11.36 -21.52 17.07
N ILE A 64 -11.34 -20.20 17.13
CA ILE A 64 -12.59 -19.44 17.10
C ILE A 64 -13.14 -19.37 15.67
N ALA A 65 -12.27 -19.49 14.68
CA ALA A 65 -12.68 -19.39 13.28
C ALA A 65 -12.99 -20.76 12.69
N ASP A 66 -14.26 -21.02 12.40
CA ASP A 66 -14.67 -22.33 11.92
C ASP A 66 -14.07 -22.75 10.59
N VAL A 67 -13.90 -21.80 9.69
CA VAL A 67 -13.37 -22.12 8.37
C VAL A 67 -11.97 -22.65 8.54
N SER A 68 -11.24 -22.07 9.49
CA SER A 68 -9.90 -22.53 9.80
C SER A 68 -9.92 -23.94 10.38
N VAL A 69 -10.82 -24.16 11.33
CA VAL A 69 -10.98 -25.48 11.94
C VAL A 69 -11.29 -26.51 10.86
N LYS A 70 -12.23 -26.17 9.98
CA LYS A 70 -12.62 -27.10 8.93
C LYS A 70 -11.48 -27.35 7.95
N GLN A 71 -10.74 -26.31 7.63
CA GLN A 71 -9.58 -26.46 6.77
C GLN A 71 -8.51 -27.27 7.49
N CYS A 72 -8.34 -27.02 8.79
CA CYS A 72 -7.43 -27.81 9.59
C CYS A 72 -7.81 -29.29 9.54
N GLN A 73 -9.11 -29.57 9.64
CA GLN A 73 -9.60 -30.95 9.56
C GLN A 73 -9.28 -31.61 8.20
N GLN A 74 -9.55 -30.89 7.11
CA GLN A 74 -9.30 -31.44 5.78
C GLN A 74 -7.82 -31.72 5.54
N ARG A 75 -6.96 -30.80 5.97
CA ARG A 75 -5.53 -31.01 5.85
C ARG A 75 -5.13 -32.20 6.71
N TYR A 76 -5.79 -32.42 7.82
CA TYR A 76 -5.54 -33.58 8.62
C TYR A 76 -5.95 -34.83 7.86
N GLU A 77 -7.12 -34.81 7.25
CA GLU A 77 -7.61 -35.91 6.43
C GLU A 77 -6.69 -36.29 5.27
N ASP A 78 -6.21 -35.28 4.57
CA ASP A 78 -5.18 -35.43 3.57
C ASP A 78 -3.88 -35.97 4.11
N MET A 79 -3.55 -35.70 5.35
CA MET A 79 -2.26 -36.08 5.87
C MET A 79 -2.13 -37.58 6.04
N LYS A 80 -3.19 -38.21 6.51
CA LYS A 80 -3.13 -39.65 6.66
C LYS A 80 -3.94 -40.43 5.65
N ASN A 81 -4.44 -39.74 4.64
CA ASN A 81 -4.87 -40.39 3.43
C ASN A 81 -3.77 -40.40 2.39
N ARG A 82 -2.55 -40.15 2.84
CA ARG A 82 -1.37 -40.16 1.99
C ARG A 82 -1.17 -41.62 1.91
N ARG A 83 -0.16 -42.07 1.20
CA ARG A 83 0.01 -43.47 1.01
C ARG A 83 1.11 -44.01 1.79
N ASP A 84 0.92 -45.24 2.24
CA ASP A 84 1.83 -45.87 3.14
C ASP A 84 2.29 -44.94 4.22
N SER A 85 1.35 -44.15 4.69
CA SER A 85 1.65 -43.14 5.68
C SER A 85 1.83 -43.78 7.03
N GLU A 86 3.01 -43.63 7.61
CA GLU A 86 3.28 -44.13 8.94
C GLU A 86 2.19 -43.67 9.95
N TYR A 87 2.26 -44.15 11.19
CA TYR A 87 1.23 -43.86 12.21
C TYR A 87 0.94 -42.40 12.32
N ILE A 88 -0.35 -42.09 12.45
CA ILE A 88 -0.84 -40.76 12.71
C ILE A 88 -1.73 -40.65 13.94
N PHE A 89 -1.67 -39.53 14.65
CA PHE A 89 -2.56 -39.34 15.80
C PHE A 89 -4.03 -39.31 15.36
N SER A 90 -4.93 -39.71 16.26
CA SER A 90 -6.36 -39.43 16.11
C SER A 90 -6.58 -37.98 16.49
N ALA A 91 -7.56 -37.34 15.89
CA ALA A 91 -7.73 -35.90 16.06
C ALA A 91 -9.18 -35.53 16.32
N GLU A 92 -9.38 -34.39 16.96
CA GLU A 92 -10.71 -33.92 17.31
C GLU A 92 -10.71 -32.41 17.02
N PHE A 93 -11.77 -31.91 16.39
CA PHE A 93 -11.79 -30.54 15.88
C PHE A 93 -12.95 -29.75 16.43
N ILE A 94 -12.64 -28.60 17.04
CA ILE A 94 -13.63 -27.84 17.78
C ILE A 94 -13.64 -26.35 17.47
N THR A 95 -14.76 -25.88 16.94
CA THR A 95 -14.95 -24.46 16.79
C THR A 95 -15.40 -23.89 18.11
N ALA A 96 -14.68 -22.89 18.62
CA ALA A 96 -15.05 -22.27 19.89
C ALA A 96 -14.21 -21.04 20.17
N ASP A 97 -14.76 -20.15 20.99
CA ASP A 97 -14.04 -19.01 21.53
C ASP A 97 -13.44 -19.47 22.84
N SER A 98 -12.12 -19.62 22.86
CA SER A 98 -11.49 -20.19 24.04
C SER A 98 -11.31 -19.14 25.12
N SER A 99 -11.70 -17.91 24.82
CA SER A 99 -11.72 -16.89 25.87
C SER A 99 -13.10 -16.65 26.47
N LYS A 100 -14.17 -17.09 25.81
CA LYS A 100 -15.52 -17.02 26.37
C LYS A 100 -16.25 -18.35 26.67
N GLU A 101 -15.69 -19.48 26.21
CA GLU A 101 -16.34 -20.78 26.33
C GLU A 101 -15.43 -21.79 26.99
N LEU A 102 -16.01 -22.72 27.75
CA LEU A 102 -15.24 -23.78 28.38
C LEU A 102 -15.08 -24.97 27.43
N LEU A 103 -13.83 -25.32 27.12
CA LEU A 103 -13.57 -26.38 26.15
C LEU A 103 -14.02 -27.75 26.66
N ILE A 104 -13.94 -27.96 27.96
CA ILE A 104 -14.37 -29.23 28.54
C ILE A 104 -15.83 -29.51 28.25
N ASP A 105 -16.60 -28.45 28.04
CA ASP A 105 -18.00 -28.59 27.75
C ASP A 105 -18.22 -28.98 26.30
N LYS A 106 -17.20 -28.76 25.47
CA LYS A 106 -17.30 -29.21 24.08
C LYS A 106 -16.49 -30.47 23.75
N PHE A 107 -15.62 -30.90 24.66
CA PHE A 107 -14.86 -32.11 24.37
C PHE A 107 -15.83 -33.27 24.23
N ARG A 108 -15.59 -34.13 23.24
CA ARG A 108 -16.39 -35.34 23.14
C ARG A 108 -16.17 -36.16 24.40
N ASP A 109 -14.92 -36.26 24.82
CA ASP A 109 -14.58 -36.89 26.09
C ASP A 109 -14.25 -35.82 27.16
N PRO A 110 -15.19 -35.60 28.08
CA PRO A 110 -15.07 -34.56 29.12
C PRO A 110 -14.02 -34.86 30.20
N GLN A 111 -13.60 -36.12 30.33
CA GLN A 111 -12.61 -36.53 31.33
C GLN A 111 -11.18 -36.42 30.77
N MET A 112 -11.07 -36.07 29.50
CA MET A 112 -9.78 -36.07 28.80
C MET A 112 -8.72 -35.17 29.46
N CYS A 113 -7.47 -35.64 29.48
CA CYS A 113 -6.35 -34.86 29.99
C CYS A 113 -5.29 -34.61 28.92
N PHE A 114 -4.44 -33.60 29.10
CA PHE A 114 -3.38 -33.31 28.14
C PHE A 114 -2.01 -33.31 28.76
N ASP A 115 -1.02 -33.78 28.01
CA ASP A 115 0.38 -33.67 28.38
C ASP A 115 0.95 -32.32 27.96
N ILE A 116 0.40 -31.75 26.88
CA ILE A 116 0.83 -30.44 26.42
C ILE A 116 -0.33 -29.63 25.87
N CYS A 117 -0.40 -28.36 26.27
CA CYS A 117 -1.22 -27.42 25.53
C CYS A 117 -0.33 -26.46 24.77
N SER A 118 -0.50 -26.42 23.46
CA SER A 118 0.29 -25.56 22.63
C SER A 118 -0.55 -24.37 22.18
N CYS A 119 -0.14 -23.18 22.58
CA CYS A 119 -0.82 -21.97 22.14
C CYS A 119 0.15 -21.07 21.37
N GLN A 120 0.11 -21.15 20.04
CA GLN A 120 1.08 -20.46 19.19
C GLN A 120 0.43 -19.26 18.54
N PHE A 121 0.91 -18.07 18.91
CA PHE A 121 0.46 -16.80 18.34
C PHE A 121 -1.04 -16.54 18.59
N VAL A 122 -1.51 -16.86 19.80
CA VAL A 122 -2.93 -16.80 20.15
C VAL A 122 -3.21 -16.00 21.43
N CYS A 123 -2.47 -16.29 22.51
CA CYS A 123 -2.76 -15.78 23.86
C CYS A 123 -3.13 -14.31 23.93
N HIS A 124 -2.48 -13.49 23.11
CA HIS A 124 -2.68 -12.06 23.18
C HIS A 124 -4.09 -11.60 22.82
N TYR A 125 -4.82 -12.40 22.05
CA TYR A 125 -6.20 -12.06 21.74
C TYR A 125 -7.10 -12.11 22.96
N SER A 126 -6.72 -12.90 23.95
CA SER A 126 -7.56 -13.13 25.12
C SER A 126 -7.47 -12.03 26.16
N PHE A 127 -6.53 -11.11 25.99
CA PHE A 127 -6.27 -10.10 27.02
C PHE A 127 -7.14 -8.86 26.86
N GLU A 128 -8.17 -8.99 26.04
CA GLU A 128 -9.22 -7.98 25.91
C GLU A 128 -9.89 -7.62 27.25
N SER A 129 -10.01 -8.60 28.14
CA SER A 129 -10.56 -8.37 29.48
C SER A 129 -10.01 -9.41 30.43
N TYR A 130 -10.16 -9.17 31.73
CA TYR A 130 -9.64 -10.12 32.70
C TYR A 130 -10.26 -11.52 32.53
N GLU A 131 -11.57 -11.57 32.35
CA GLU A 131 -12.29 -12.84 32.24
C GLU A 131 -11.86 -13.69 31.04
N GLN A 132 -11.69 -13.04 29.90
CA GLN A 132 -11.22 -13.72 28.69
C GLN A 132 -9.83 -14.28 28.86
N ALA A 133 -8.96 -13.52 29.51
CA ALA A 133 -7.60 -13.96 29.77
C ALA A 133 -7.57 -15.16 30.70
N ASP A 134 -8.30 -15.03 31.82
CA ASP A 134 -8.39 -16.12 32.80
C ASP A 134 -8.97 -17.37 32.15
N MET A 135 -10.02 -17.17 31.34
CA MET A 135 -10.72 -18.26 30.68
C MET A 135 -9.82 -19.00 29.69
N MET A 136 -9.04 -18.26 28.91
CA MET A 136 -8.15 -18.93 27.97
C MET A 136 -7.07 -19.68 28.73
N LEU A 137 -6.61 -19.11 29.84
CA LEU A 137 -5.64 -19.79 30.69
C LEU A 137 -6.22 -21.06 31.27
N ARG A 138 -7.46 -20.99 31.70
CA ARG A 138 -8.17 -22.11 32.24
C ARG A 138 -8.31 -23.19 31.18
N ASN A 139 -8.72 -22.78 30.02
CA ASN A 139 -8.86 -23.69 28.90
C ASN A 139 -7.54 -24.33 28.52
N ALA A 140 -6.46 -23.57 28.68
CA ALA A 140 -5.16 -24.09 28.35
C ALA A 140 -4.63 -25.01 29.46
N CYS A 141 -4.90 -24.66 30.72
CA CYS A 141 -4.28 -25.35 31.84
C CYS A 141 -5.09 -26.31 32.72
N GLU A 142 -6.42 -26.24 32.69
CA GLU A 142 -7.19 -26.97 33.69
C GLU A 142 -7.10 -28.48 33.50
N ARG A 143 -7.07 -28.94 32.25
CA ARG A 143 -7.05 -30.37 31.98
C ARG A 143 -5.62 -30.90 31.78
N LEU A 144 -4.62 -30.07 32.04
CA LEU A 144 -3.24 -30.56 32.02
C LEU A 144 -2.95 -31.51 33.17
N SER A 145 -2.40 -32.67 32.86
CA SER A 145 -1.90 -33.58 33.87
C SER A 145 -0.71 -32.98 34.60
N PRO A 146 -0.52 -33.36 35.87
CA PRO A 146 0.63 -32.87 36.64
C PRO A 146 1.94 -33.23 35.94
N GLY A 147 2.81 -32.25 35.75
CA GLY A 147 4.03 -32.46 35.01
C GLY A 147 3.88 -32.10 33.53
N GLY A 148 2.64 -31.86 33.12
CA GLY A 148 2.36 -31.45 31.74
C GLY A 148 2.71 -30.00 31.50
N TYR A 149 2.71 -29.57 30.24
CA TYR A 149 3.22 -28.25 29.89
C TYR A 149 2.27 -27.39 29.09
N PHE A 150 2.34 -26.09 29.39
CA PHE A 150 1.64 -25.05 28.67
C PHE A 150 2.70 -24.24 27.95
N ILE A 151 2.76 -24.37 26.62
CA ILE A 151 3.79 -23.68 25.84
C ILE A 151 3.18 -22.74 24.80
N GLY A 152 3.92 -21.70 24.44
CA GLY A 152 3.43 -20.78 23.44
C GLY A 152 4.32 -19.62 23.03
N THR A 153 3.76 -18.76 22.18
CA THR A 153 4.44 -17.61 21.61
C THR A 153 3.47 -16.45 21.57
N THR A 154 3.91 -15.30 22.04
CA THR A 154 3.07 -14.12 22.11
C THR A 154 4.01 -12.91 22.03
N PRO A 155 3.51 -11.75 21.59
CA PRO A 155 4.38 -10.56 21.58
C PRO A 155 4.95 -10.21 22.96
N ASN A 156 6.20 -9.75 22.97
CA ASN A 156 6.86 -9.31 24.17
C ASN A 156 6.48 -7.85 24.45
N SER A 157 5.72 -7.61 25.51
CA SER A 157 5.19 -6.27 25.77
C SER A 157 6.29 -5.23 26.00
N PHE A 158 7.39 -5.62 26.63
CA PHE A 158 8.50 -4.70 26.86
C PHE A 158 9.09 -4.16 25.56
N GLU A 159 9.29 -5.04 24.60
CA GLU A 159 9.79 -4.65 23.29
C GLU A 159 8.75 -3.79 22.56
N LEU A 160 7.47 -4.14 22.67
CA LEU A 160 6.44 -3.33 22.04
C LEU A 160 6.42 -1.90 22.59
N ILE A 161 6.50 -1.76 23.91
CA ILE A 161 6.42 -0.44 24.54
C ILE A 161 7.64 0.40 24.19
N ARG A 162 8.79 -0.24 24.18
CA ARG A 162 10.07 0.39 23.93
C ARG A 162 10.08 1.11 22.58
N ARG A 163 9.56 0.43 21.56
CA ARG A 163 9.55 0.98 20.21
C ARG A 163 8.49 2.05 20.10
N LEU A 164 7.39 1.86 20.82
CA LEU A 164 6.31 2.84 20.85
C LEU A 164 6.80 4.16 21.42
N GLU A 165 7.48 4.08 22.55
CA GLU A 165 7.94 5.27 23.22
C GLU A 165 9.14 5.91 22.53
N ALA A 166 9.84 5.12 21.71
CA ALA A 166 10.93 5.65 20.89
C ALA A 166 10.41 6.32 19.62
N SER A 167 9.15 6.03 19.28
CA SER A 167 8.51 6.57 18.08
C SER A 167 8.02 8.00 18.23
N GLU A 168 7.88 8.68 17.09
CA GLU A 168 7.44 10.07 17.06
C GLU A 168 5.92 10.12 17.10
N THR A 169 5.32 8.97 16.84
CA THR A 169 3.87 8.78 16.83
C THR A 169 3.47 7.60 17.72
N GLU A 170 2.22 7.18 17.57
CA GLU A 170 1.69 5.99 18.24
C GLU A 170 1.90 4.75 17.34
N SER A 171 2.60 4.95 16.24
CA SER A 171 2.89 3.86 15.31
C SER A 171 4.39 3.60 15.16
N PHE A 172 4.74 2.40 14.69
CA PHE A 172 6.11 2.09 14.32
C PHE A 172 6.15 0.88 13.40
N GLY A 173 7.28 0.70 12.70
CA GLY A 173 7.44 -0.44 11.81
C GLY A 173 8.44 -0.28 10.68
N ASN A 174 8.28 -1.10 9.64
CA ASN A 174 9.16 -1.07 8.48
C ASN A 174 8.43 -1.64 7.26
N GLU A 175 9.20 -2.00 6.24
CA GLU A 175 8.72 -2.65 5.03
C GLU A 175 7.74 -3.79 5.30
N ILE A 176 7.96 -4.49 6.40
CA ILE A 176 7.33 -5.77 6.64
C ILE A 176 6.13 -5.62 7.58
N TYR A 177 6.35 -5.02 8.75
CA TYR A 177 5.29 -4.94 9.76
C TYR A 177 4.99 -3.51 10.19
N THR A 178 3.79 -3.31 10.73
CA THR A 178 3.45 -2.04 11.36
C THR A 178 2.61 -2.27 12.62
N VAL A 179 2.96 -1.56 13.69
CA VAL A 179 2.19 -1.56 14.92
C VAL A 179 1.59 -0.19 15.16
N LYS A 180 0.30 -0.14 15.51
CA LYS A 180 -0.33 1.13 15.86
C LYS A 180 -1.17 1.03 17.15
N PHE A 181 -0.74 1.75 18.17
CA PHE A 181 -1.47 1.79 19.43
C PHE A 181 -2.68 2.72 19.40
N GLN A 182 -3.64 2.48 20.29
CA GLN A 182 -4.79 3.37 20.41
C GLN A 182 -4.33 4.67 21.06
N LYS A 183 -3.44 4.59 22.05
CA LYS A 183 -2.34 5.57 22.21
C LYS A 183 -1.43 5.20 23.40
N LYS A 184 -0.19 5.70 23.33
CA LYS A 184 0.87 5.50 24.31
C LYS A 184 0.68 6.22 25.63
N GLY A 185 1.42 5.75 26.64
CA GLY A 185 1.37 6.27 28.00
C GLY A 185 0.35 5.56 28.86
N ASP A 186 -0.67 4.99 28.22
CA ASP A 186 -1.74 4.30 28.93
C ASP A 186 -1.77 2.81 28.62
N TYR A 187 -1.36 1.98 29.56
CA TYR A 187 -1.26 0.55 29.30
C TYR A 187 -1.98 -0.25 30.38
N PRO A 188 -3.32 -0.32 30.29
CA PRO A 188 -4.06 -1.13 31.26
C PRO A 188 -3.72 -2.60 31.12
N LEU A 189 -3.81 -3.33 32.22
CA LEU A 189 -3.48 -4.75 32.25
C LEU A 189 -4.34 -5.49 31.25
N PHE A 190 -5.59 -5.06 31.10
CA PHE A 190 -6.48 -5.69 30.15
C PHE A 190 -7.06 -4.64 29.23
N GLY A 191 -7.30 -5.02 27.99
CA GLY A 191 -7.87 -4.08 27.05
C GLY A 191 -6.89 -3.06 26.48
N CYS A 192 -5.59 -3.34 26.55
CA CYS A 192 -4.66 -2.43 25.91
C CYS A 192 -4.49 -2.87 24.46
N LYS A 193 -5.15 -2.11 23.59
CA LYS A 193 -5.38 -2.46 22.20
C LYS A 193 -4.34 -1.83 21.30
N TYR A 194 -3.82 -2.61 20.36
CA TYR A 194 -2.98 -2.09 19.30
C TYR A 194 -3.28 -2.80 18.00
N ASP A 195 -3.09 -2.12 16.87
CA ASP A 195 -3.28 -2.76 15.59
C ASP A 195 -1.96 -3.38 15.13
N PHE A 196 -2.06 -4.56 14.55
CA PHE A 196 -0.87 -5.24 14.09
C PHE A 196 -1.03 -5.64 12.64
N ASN A 197 -0.10 -5.18 11.81
CA ASN A 197 -0.21 -5.37 10.38
C ASN A 197 0.97 -6.15 9.83
N LEU A 198 0.72 -7.34 9.33
CA LEU A 198 1.77 -8.02 8.62
C LEU A 198 1.47 -8.10 7.13
N GLU A 199 2.27 -7.41 6.35
CA GLU A 199 2.02 -7.29 4.92
C GLU A 199 2.08 -8.58 4.13
N ASP A 203 -4.11 -8.52 9.15
CA ASP A 203 -4.53 -7.26 9.76
C ASP A 203 -5.56 -7.47 10.87
N VAL A 204 -5.10 -7.73 12.09
CA VAL A 204 -6.01 -8.06 13.19
C VAL A 204 -5.64 -7.34 14.50
N PRO A 205 -6.65 -6.80 15.22
CA PRO A 205 -6.39 -6.15 16.51
C PRO A 205 -5.83 -7.10 17.57
N GLU A 206 -4.86 -6.63 18.35
CA GLU A 206 -4.26 -7.44 19.40
C GLU A 206 -4.31 -6.72 20.75
N PHE A 207 -4.01 -7.46 21.82
CA PHE A 207 -3.96 -6.86 23.16
C PHE A 207 -2.63 -7.10 23.83
N LEU A 208 -2.17 -6.10 24.58
CA LEU A 208 -0.90 -6.20 25.27
C LEU A 208 -0.96 -7.33 26.29
N VAL A 209 0.09 -8.13 26.30
CA VAL A 209 0.21 -9.19 27.28
C VAL A 209 1.38 -8.86 28.17
N TYR A 210 1.11 -8.42 29.40
CA TYR A 210 2.17 -8.11 30.32
C TYR A 210 2.60 -9.42 30.95
N PHE A 211 3.82 -9.87 30.64
CA PHE A 211 4.19 -11.24 31.02
C PHE A 211 4.21 -11.49 32.54
N PRO A 212 4.72 -10.54 33.35
CA PRO A 212 4.63 -10.81 34.79
C PRO A 212 3.18 -11.02 35.27
N LEU A 213 2.23 -10.40 34.59
CA LEU A 213 0.82 -10.62 34.87
C LEU A 213 0.38 -12.01 34.41
N LEU A 214 0.79 -12.41 33.21
CA LEU A 214 0.46 -13.74 32.72
C LEU A 214 1.00 -14.80 33.68
N ASN A 215 2.21 -14.58 34.17
CA ASN A 215 2.86 -15.48 35.11
C ASN A 215 2.07 -15.67 36.41
N GLU A 216 1.56 -14.57 36.95
CA GLU A 216 0.78 -14.58 38.18
C GLU A 216 -0.57 -15.25 37.98
N MET A 217 -1.26 -14.88 36.92
CA MET A 217 -2.57 -15.44 36.62
C MET A 217 -2.51 -16.95 36.39
N ALA A 218 -1.41 -17.43 35.82
CA ALA A 218 -1.24 -18.86 35.55
C ALA A 218 -1.15 -19.66 36.84
N LYS A 219 -0.69 -19.02 37.91
CA LYS A 219 -0.57 -19.69 39.20
C LYS A 219 -1.91 -20.19 39.70
N LYS A 220 -2.98 -19.53 39.28
CA LYS A 220 -4.33 -19.88 39.70
C LYS A 220 -4.65 -21.33 39.32
N TYR A 221 -4.03 -21.80 38.24
CA TYR A 221 -4.22 -23.15 37.74
C TYR A 221 -3.07 -24.07 38.11
N ASN A 222 -2.29 -23.65 39.10
CA ASN A 222 -1.21 -24.45 39.64
C ASN A 222 -0.09 -24.66 38.63
N MET A 223 0.26 -23.57 37.94
CA MET A 223 1.34 -23.57 36.98
C MET A 223 2.55 -22.82 37.56
N LYS A 224 3.75 -23.33 37.29
CA LYS A 224 4.99 -22.64 37.56
C LYS A 224 5.71 -22.37 36.24
N LEU A 225 6.35 -21.22 36.12
CA LEU A 225 7.10 -20.87 34.92
C LEU A 225 8.29 -21.79 34.68
N VAL A 226 8.40 -22.35 33.48
CA VAL A 226 9.60 -23.10 33.11
C VAL A 226 10.66 -22.12 32.60
N TYR A 227 10.33 -21.42 31.52
CA TYR A 227 11.12 -20.28 31.08
C TYR A 227 10.32 -19.35 30.19
N LYS A 228 10.85 -18.15 30.06
CA LYS A 228 10.38 -17.15 29.12
C LYS A 228 11.63 -16.60 28.42
N LYS A 229 11.62 -16.62 27.08
CA LYS A 229 12.77 -16.19 26.27
C LYS A 229 12.31 -15.38 25.08
N THR A 230 13.03 -14.30 24.77
CA THR A 230 12.73 -13.53 23.56
C THR A 230 13.01 -14.41 22.35
N PHE A 231 12.41 -14.09 21.21
CA PHE A 231 12.70 -14.87 19.99
C PHE A 231 14.20 -14.85 19.69
N LEU A 232 14.85 -13.73 19.97
CA LEU A 232 16.28 -13.61 19.74
C LEU A 232 17.09 -14.56 20.62
N GLU A 233 16.86 -14.49 21.94
CA GLU A 233 17.53 -15.35 22.91
C GLU A 233 17.31 -16.82 22.59
N PHE A 234 16.06 -17.15 22.30
CA PHE A 234 15.69 -18.53 21.98
C PHE A 234 16.42 -18.92 20.71
N TYR A 235 16.45 -18.02 19.74
CA TYR A 235 17.19 -18.31 18.51
C TYR A 235 18.68 -18.55 18.77
N GLU A 236 19.29 -17.72 19.60
CA GLU A 236 20.73 -17.80 19.85
C GLU A 236 21.13 -19.10 20.55
N GLU A 237 20.27 -19.59 21.43
CA GLU A 237 20.56 -20.80 22.21
C GLU A 237 20.41 -22.06 21.38
N LYS A 238 19.36 -22.10 20.58
CA LYS A 238 18.96 -23.31 19.87
C LYS A 238 19.92 -23.73 18.74
N ILE A 239 20.61 -22.76 18.14
CA ILE A 239 21.52 -23.08 17.02
C ILE A 239 22.92 -23.51 17.44
N LYS A 240 23.18 -23.64 18.74
CA LYS A 240 24.44 -24.23 19.18
C LYS A 240 24.29 -25.75 19.15
N ASN A 241 23.11 -26.19 18.69
CA ASN A 241 22.86 -27.59 18.42
C ASN A 241 22.61 -27.74 16.90
N ASN A 242 23.37 -28.61 16.23
CA ASN A 242 23.36 -28.67 14.76
C ASN A 242 22.12 -29.35 14.17
N GLU A 243 21.42 -30.15 14.97
CA GLU A 243 20.20 -30.80 14.49
C GLU A 243 19.19 -29.72 14.12
N ASN A 244 19.07 -28.74 15.00
CA ASN A 244 18.18 -27.61 14.74
C ASN A 244 18.63 -26.70 13.60
N LYS A 245 19.94 -26.55 13.42
CA LYS A 245 20.41 -25.57 12.45
C LYS A 245 20.31 -26.08 11.01
N MET A 246 20.57 -27.37 10.77
CA MET A 246 20.43 -27.87 9.41
C MET A 246 18.98 -28.25 9.16
N LEU A 247 18.22 -28.35 10.25
CA LEU A 247 16.77 -28.36 10.14
C LEU A 247 16.29 -27.05 9.57
N LEU A 248 16.77 -25.94 10.14
CA LEU A 248 16.43 -24.62 9.66
C LEU A 248 16.85 -24.40 8.20
N LYS A 249 18.02 -24.90 7.84
CA LYS A 249 18.50 -24.69 6.48
C LYS A 249 17.82 -25.58 5.44
N ARG A 250 17.36 -26.77 5.84
CA ARG A 250 16.58 -27.58 4.91
C ARG A 250 15.15 -27.05 4.79
N MET A 251 14.68 -26.39 5.83
CA MET A 251 13.39 -25.72 5.78
C MET A 251 13.60 -24.46 4.93
N GLN A 252 14.88 -24.15 4.70
CA GLN A 252 15.40 -22.96 4.00
C GLN A 252 15.19 -21.66 4.78
N LEU A 287 21.12 -7.46 16.55
CA LEU A 287 20.64 -8.43 15.57
C LEU A 287 21.80 -9.22 14.97
N PRO A 288 21.56 -10.50 14.66
CA PRO A 288 22.57 -11.36 14.02
C PRO A 288 22.69 -11.11 12.52
N LEU A 289 23.80 -11.52 11.91
CA LEU A 289 24.04 -11.28 10.49
C LEU A 289 23.08 -12.22 9.76
N GLY A 290 23.12 -13.48 10.19
CA GLY A 290 21.95 -14.23 10.61
C GLY A 290 20.61 -14.55 9.97
N THR A 291 20.56 -15.21 8.82
CA THR A 291 19.36 -16.00 8.48
C THR A 291 18.12 -15.19 8.14
N LEU A 292 18.03 -13.97 8.65
CA LEU A 292 16.91 -13.09 8.36
C LEU A 292 17.50 -11.73 8.01
N SER A 293 16.81 -10.98 7.17
CA SER A 293 17.19 -9.60 6.91
C SER A 293 16.96 -8.77 8.16
N LYS A 294 17.55 -7.58 8.23
CA LYS A 294 17.45 -6.78 9.43
C LYS A 294 16.00 -6.40 9.70
N SER A 295 15.25 -6.14 8.64
CA SER A 295 13.81 -5.87 8.78
C SER A 295 13.02 -7.09 9.27
N GLU A 296 13.36 -8.28 8.76
CA GLU A 296 12.70 -9.49 9.21
C GLU A 296 13.00 -9.71 10.70
N TRP A 297 14.23 -9.40 11.10
CA TRP A 297 14.66 -9.58 12.48
C TRP A 297 13.90 -8.62 13.39
N GLU A 298 13.65 -7.41 12.90
CA GLU A 298 12.86 -6.45 13.65
C GLU A 298 11.43 -6.95 13.86
N ALA A 299 10.89 -7.62 12.85
CA ALA A 299 9.51 -8.11 12.94
C ALA A 299 9.44 -9.27 13.92
N THR A 300 10.39 -10.19 13.83
CA THR A 300 10.30 -11.40 14.61
C THR A 300 10.76 -11.17 16.04
N SER A 301 11.65 -10.20 16.26
CA SER A 301 12.21 -9.97 17.58
C SER A 301 11.17 -9.35 18.52
N ILE A 302 10.00 -9.05 17.97
CA ILE A 302 8.87 -8.55 18.75
C ILE A 302 8.31 -9.62 19.71
N TYR A 303 8.55 -10.89 19.37
CA TYR A 303 7.93 -12.02 20.08
C TYR A 303 8.81 -12.65 21.14
N LEU A 304 8.15 -13.29 22.09
CA LEU A 304 8.82 -14.14 23.07
C LEU A 304 8.22 -15.55 23.03
N VAL A 305 8.94 -16.52 23.57
CA VAL A 305 8.42 -17.86 23.75
C VAL A 305 8.29 -18.12 25.25
N PHE A 306 7.29 -18.89 25.64
CA PHE A 306 7.14 -19.26 27.04
C PHE A 306 6.77 -20.71 27.22
N ALA A 307 7.03 -21.22 28.41
CA ALA A 307 6.55 -22.52 28.81
C ALA A 307 6.24 -22.54 30.30
N PHE A 308 5.08 -23.08 30.64
CA PHE A 308 4.70 -23.31 32.03
C PHE A 308 4.52 -24.80 32.28
N GLU A 309 4.76 -25.22 33.51
CA GLU A 309 4.59 -26.63 33.90
C GLU A 309 3.54 -26.79 34.98
N LYS A 310 2.69 -27.81 34.81
CA LYS A 310 1.66 -28.13 35.80
C LYS A 310 2.32 -28.80 36.99
N GLN A 311 2.13 -28.21 38.16
CA GLN A 311 2.69 -28.72 39.41
C GLN A 311 1.92 -29.91 40.00
N GLN A 312 2.62 -30.67 40.84
CA GLN A 312 2.06 -31.86 41.45
C GLN A 312 1.33 -31.53 42.73
N ARG B 4 -0.73 28.37 -41.04
CA ARG B 4 -1.80 28.87 -40.19
C ARG B 4 -1.16 29.25 -38.88
N ILE B 5 -1.67 28.56 -37.87
CA ILE B 5 -1.10 28.36 -36.56
C ILE B 5 -0.46 26.97 -36.51
N PHE B 6 -0.33 26.35 -37.68
CA PHE B 6 0.24 25.02 -37.83
C PHE B 6 1.57 24.78 -37.10
N TYR B 7 2.53 25.70 -37.23
CA TYR B 7 3.83 25.51 -36.60
C TYR B 7 3.74 25.71 -35.08
N LEU B 8 2.81 26.55 -34.65
CA LEU B 8 2.55 26.75 -33.25
C LEU B 8 2.03 25.47 -32.59
N ARG B 9 1.07 24.84 -33.27
CA ARG B 9 0.50 23.60 -32.76
C ARG B 9 1.53 22.50 -32.76
N ASN B 10 2.30 22.44 -33.83
CA ASN B 10 3.32 21.44 -33.91
C ASN B 10 4.33 21.62 -32.77
N PHE B 11 4.68 22.86 -32.47
CA PHE B 11 5.58 23.15 -31.36
C PHE B 11 4.96 22.73 -30.00
N ASN B 12 3.67 23.03 -29.80
CA ASN B 12 2.96 22.62 -28.60
C ASN B 12 2.98 21.11 -28.43
N ASN B 13 2.79 20.41 -29.56
CA ASN B 13 2.83 18.97 -29.59
C ASN B 13 4.21 18.43 -29.24
N TRP B 14 5.23 19.12 -29.73
CA TRP B 14 6.61 18.72 -29.45
C TRP B 14 6.95 18.93 -28.00
N MET B 15 6.48 20.04 -27.44
CA MET B 15 6.64 20.32 -26.03
C MET B 15 6.01 19.24 -25.16
N LYS B 16 4.78 18.84 -25.49
CA LYS B 16 4.09 17.79 -24.77
C LYS B 16 4.79 16.45 -24.90
N SER B 17 5.25 16.14 -26.12
CA SER B 17 5.97 14.90 -26.37
C SER B 17 7.15 14.76 -25.42
N VAL B 18 7.94 15.82 -25.30
CA VAL B 18 9.13 15.79 -24.48
C VAL B 18 8.79 15.81 -22.98
N LEU B 19 7.77 16.57 -22.60
CA LEU B 19 7.33 16.59 -21.22
C LEU B 19 6.83 15.21 -20.78
N ILE B 20 5.91 14.65 -21.57
CA ILE B 20 5.35 13.32 -21.32
C ILE B 20 6.45 12.27 -21.35
N GLY B 21 7.34 12.38 -22.33
CA GLY B 21 8.46 11.46 -22.47
C GLY B 21 9.35 11.41 -21.22
N GLU B 22 9.66 12.58 -20.68
CA GLU B 22 10.52 12.69 -19.51
C GLU B 22 9.92 12.02 -18.27
N PHE B 23 8.63 12.23 -18.03
CA PHE B 23 8.07 11.73 -16.79
C PHE B 23 7.61 10.28 -16.90
N LEU B 24 7.41 9.81 -18.13
CA LEU B 24 7.19 8.39 -18.35
C LEU B 24 8.45 7.62 -17.98
N GLU B 25 9.61 8.19 -18.29
CA GLU B 25 10.87 7.54 -17.97
C GLU B 25 11.16 7.60 -16.48
N LYS B 26 10.83 8.73 -15.86
CA LYS B 26 10.98 8.88 -14.42
C LYS B 26 10.15 7.85 -13.65
N VAL B 27 8.91 7.64 -14.11
CA VAL B 27 8.05 6.64 -13.51
C VAL B 27 8.67 5.25 -13.70
N ARG B 28 9.17 4.99 -14.89
CA ARG B 28 9.80 3.71 -15.17
C ARG B 28 11.12 3.56 -14.42
N GLN B 29 11.77 4.68 -14.08
CA GLN B 29 13.06 4.62 -13.36
C GLN B 29 12.80 4.19 -11.93
N LYS B 30 11.56 4.37 -11.49
CA LYS B 30 11.10 3.78 -10.24
C LYS B 30 10.68 2.41 -10.72
N LYS B 31 10.28 1.48 -9.88
CA LYS B 31 10.10 0.15 -10.46
C LYS B 31 8.71 -0.10 -11.03
N LYS B 32 7.89 0.95 -11.12
CA LYS B 32 6.53 0.82 -11.65
C LYS B 32 6.55 0.05 -12.96
N ARG B 33 5.66 -0.94 -13.06
CA ARG B 33 5.70 -1.86 -14.18
C ARG B 33 4.62 -1.50 -15.19
N ASP B 34 3.38 -1.82 -14.86
CA ASP B 34 2.29 -1.47 -15.76
C ASP B 34 1.86 -0.04 -15.45
N ILE B 35 2.07 0.87 -16.40
CA ILE B 35 1.79 2.29 -16.20
C ILE B 35 0.33 2.65 -16.46
N THR B 36 -0.29 3.29 -15.48
CA THR B 36 -1.67 3.73 -15.64
C THR B 36 -1.69 5.25 -15.67
N VAL B 37 -2.36 5.83 -16.66
CA VAL B 37 -2.32 7.27 -16.88
C VAL B 37 -3.73 7.88 -16.95
N LEU B 38 -3.92 9.01 -16.28
CA LEU B 38 -5.13 9.80 -16.43
C LEU B 38 -4.87 11.02 -17.31
N ASP B 39 -5.49 11.08 -18.48
CA ASP B 39 -5.34 12.24 -19.35
C ASP B 39 -6.58 13.10 -19.20
N LEU B 40 -6.41 14.18 -18.43
CA LEU B 40 -7.51 15.00 -17.96
C LEU B 40 -7.71 16.20 -18.87
N GLY B 41 -8.88 16.27 -19.49
CA GLY B 41 -9.14 17.25 -20.53
C GLY B 41 -8.45 16.80 -21.82
N CYS B 42 -8.67 15.54 -22.18
CA CYS B 42 -7.98 14.87 -23.28
C CYS B 42 -8.31 15.45 -24.63
N GLY B 43 -9.39 16.22 -24.70
CA GLY B 43 -9.84 16.72 -25.98
C GLY B 43 -10.12 15.57 -26.94
N LYS B 44 -9.75 15.76 -28.20
CA LYS B 44 -10.08 14.83 -29.26
C LYS B 44 -9.02 13.72 -29.41
N GLY B 45 -8.07 13.67 -28.48
CA GLY B 45 -7.06 12.62 -28.48
C GLY B 45 -5.70 12.93 -29.11
N GLY B 46 -5.30 14.20 -29.09
CA GLY B 46 -4.02 14.57 -29.68
C GLY B 46 -2.81 13.92 -29.02
N ASP B 47 -2.96 13.43 -27.79
CA ASP B 47 -1.86 12.78 -27.08
C ASP B 47 -1.92 11.25 -27.08
N LEU B 48 -2.94 10.67 -27.72
CA LEU B 48 -3.07 9.21 -27.76
C LEU B 48 -1.80 8.53 -28.28
N LEU B 49 -1.25 9.05 -29.36
CA LEU B 49 -0.09 8.42 -29.96
C LEU B 49 1.14 8.53 -29.06
N LYS B 50 1.20 9.59 -28.25
CA LYS B 50 2.27 9.75 -27.27
C LYS B 50 2.21 8.66 -26.20
N TRP B 51 1.01 8.35 -25.72
CA TRP B 51 0.87 7.31 -24.70
C TRP B 51 1.18 5.96 -25.32
N LYS B 52 0.84 5.79 -26.59
CA LYS B 52 1.14 4.54 -27.28
C LYS B 52 2.65 4.37 -27.44
N LYS B 53 3.37 5.45 -27.70
CA LYS B 53 4.80 5.30 -27.92
C LYS B 53 5.52 5.16 -26.58
N GLY B 54 4.85 5.52 -25.49
CA GLY B 54 5.35 5.24 -24.16
C GLY B 54 5.02 3.85 -23.67
N ARG B 55 4.24 3.11 -24.46
CA ARG B 55 3.94 1.72 -24.15
C ARG B 55 3.31 1.58 -22.77
N ILE B 56 2.41 2.50 -22.43
CA ILE B 56 1.74 2.41 -21.15
C ILE B 56 0.72 1.28 -21.19
N ASN B 57 0.30 0.83 -20.02
CA ASN B 57 -0.64 -0.29 -19.92
C ASN B 57 -2.11 0.11 -19.92
N LYS B 58 -2.46 1.23 -19.29
CA LYS B 58 -3.85 1.66 -19.20
C LYS B 58 -4.00 3.18 -19.29
N LEU B 59 -4.99 3.62 -20.05
CA LEU B 59 -5.25 5.05 -20.17
C LEU B 59 -6.73 5.38 -19.87
N VAL B 60 -6.95 6.38 -19.05
CA VAL B 60 -8.28 6.95 -18.87
C VAL B 60 -8.31 8.33 -19.51
N CYS B 61 -9.13 8.48 -20.55
CA CYS B 61 -9.32 9.75 -21.24
C CYS B 61 -10.59 10.40 -20.79
N THR B 62 -10.51 11.62 -20.28
CA THR B 62 -11.71 12.29 -19.84
C THR B 62 -11.74 13.76 -20.26
N ASP B 63 -12.93 14.24 -20.58
CA ASP B 63 -13.07 15.61 -21.03
C ASP B 63 -14.51 16.02 -20.74
N ILE B 64 -14.75 17.32 -20.64
CA ILE B 64 -16.09 17.83 -20.40
C ILE B 64 -16.95 17.81 -21.66
N ALA B 65 -16.30 17.84 -22.82
CA ALA B 65 -17.03 17.87 -24.09
C ALA B 65 -17.26 16.44 -24.61
N ASP B 66 -18.52 16.01 -24.64
CA ASP B 66 -18.86 14.63 -25.01
C ASP B 66 -18.42 14.29 -26.43
N VAL B 67 -18.54 15.24 -27.36
CA VAL B 67 -18.15 14.98 -28.74
C VAL B 67 -16.65 14.75 -28.84
N SER B 68 -15.88 15.48 -28.06
CA SER B 68 -14.44 15.27 -28.04
C SER B 68 -14.09 13.89 -27.50
N VAL B 69 -14.74 13.49 -26.41
CA VAL B 69 -14.53 12.18 -25.83
C VAL B 69 -14.81 11.10 -26.86
N LYS B 70 -15.92 11.24 -27.57
CA LYS B 70 -16.27 10.26 -28.58
C LYS B 70 -15.30 10.29 -29.75
N GLN B 71 -14.82 11.46 -30.14
CA GLN B 71 -13.80 11.51 -31.18
C GLN B 71 -12.49 10.89 -30.71
N CYS B 72 -12.13 11.16 -29.46
CA CYS B 72 -10.96 10.54 -28.86
C CYS B 72 -11.12 9.02 -28.85
N GLN B 73 -12.30 8.55 -28.46
CA GLN B 73 -12.57 7.12 -28.44
C GLN B 73 -12.42 6.51 -29.83
N GLN B 74 -12.94 7.19 -30.84
CA GLN B 74 -12.85 6.70 -32.21
C GLN B 74 -11.41 6.65 -32.71
N ARG B 75 -10.61 7.66 -32.37
CA ARG B 75 -9.20 7.63 -32.76
C ARG B 75 -8.47 6.47 -32.13
N TYR B 76 -8.82 6.17 -30.88
CA TYR B 76 -8.20 5.05 -30.19
C TYR B 76 -8.59 3.76 -30.89
N GLU B 77 -9.86 3.64 -31.27
CA GLU B 77 -10.31 2.45 -31.99
C GLU B 77 -9.58 2.33 -33.33
N ASP B 78 -9.40 3.45 -34.04
CA ASP B 78 -8.72 3.41 -35.33
C ASP B 78 -7.28 2.98 -35.17
N MET B 79 -6.64 3.40 -34.08
CA MET B 79 -5.26 3.01 -33.82
C MET B 79 -5.12 1.51 -33.58
N LYS B 80 -6.04 0.98 -32.81
CA LYS B 80 -6.12 -0.39 -32.42
C LYS B 80 -6.40 -1.30 -33.57
N ASN B 81 -7.27 -0.83 -34.42
CA ASN B 81 -7.70 -1.56 -35.59
C ASN B 81 -6.74 -1.46 -36.80
N ARG B 82 -5.61 -0.80 -36.65
CA ARG B 82 -4.59 -0.81 -37.69
C ARG B 82 -3.89 -2.18 -37.82
N ARG B 83 -3.61 -2.55 -39.03
CA ARG B 83 -2.79 -3.71 -39.30
C ARG B 83 -1.44 -3.71 -38.57
N ASP B 84 -1.08 -4.85 -38.00
CA ASP B 84 0.17 -4.99 -37.28
C ASP B 84 0.29 -3.96 -36.16
N SER B 85 -0.84 -3.66 -35.53
CA SER B 85 -0.87 -2.68 -34.43
C SER B 85 -0.19 -3.24 -33.19
N GLU B 86 0.97 -2.68 -32.87
CA GLU B 86 1.73 -3.11 -31.69
C GLU B 86 0.85 -3.10 -30.44
N TYR B 87 1.41 -3.57 -29.33
CA TYR B 87 0.69 -3.61 -28.06
C TYR B 87 0.11 -2.25 -27.72
N ILE B 88 -1.21 -2.14 -27.75
CA ILE B 88 -1.89 -0.88 -27.44
C ILE B 88 -2.55 -0.94 -26.06
N PHE B 89 -2.35 0.10 -25.27
CA PHE B 89 -2.93 0.17 -23.94
C PHE B 89 -4.43 -0.07 -23.97
N SER B 90 -4.97 -0.59 -22.88
CA SER B 90 -6.42 -0.58 -22.74
C SER B 90 -6.86 0.85 -22.37
N ALA B 91 -8.06 1.23 -22.77
CA ALA B 91 -8.49 2.62 -22.57
C ALA B 91 -9.92 2.72 -22.08
N GLU B 92 -10.19 3.80 -21.37
CA GLU B 92 -11.48 4.04 -20.78
C GLU B 92 -11.82 5.51 -21.06
N PHE B 93 -13.06 5.77 -21.45
CA PHE B 93 -13.43 7.10 -21.90
C PHE B 93 -14.58 7.68 -21.09
N ILE B 94 -14.36 8.86 -20.51
CA ILE B 94 -15.31 9.40 -19.56
C ILE B 94 -15.65 10.86 -19.84
N THR B 95 -16.91 11.12 -20.16
CA THR B 95 -17.39 12.49 -20.22
C THR B 95 -17.72 13.00 -18.83
N ALA B 96 -17.14 14.13 -18.44
CA ALA B 96 -17.37 14.70 -17.13
C ALA B 96 -16.74 16.06 -17.04
N ASP B 97 -17.28 16.85 -16.11
CA ASP B 97 -16.68 18.10 -15.71
C ASP B 97 -15.77 17.79 -14.55
N SER B 98 -14.46 17.85 -14.79
CA SER B 98 -13.48 17.46 -13.78
C SER B 98 -13.27 18.57 -12.78
N SER B 99 -13.94 19.70 -12.97
CA SER B 99 -13.90 20.72 -11.94
C SER B 99 -15.14 20.66 -11.05
N LYS B 100 -16.20 20.00 -11.51
CA LYS B 100 -17.40 19.78 -10.68
C LYS B 100 -17.77 18.36 -10.29
N GLU B 101 -17.10 17.36 -10.88
CA GLU B 101 -17.49 15.96 -10.65
C GLU B 101 -16.28 15.15 -10.19
N LEU B 102 -16.52 14.16 -9.35
CA LEU B 102 -15.46 13.29 -8.89
C LEU B 102 -15.27 12.12 -9.85
N LEU B 103 -14.08 12.01 -10.45
CA LEU B 103 -13.83 11.00 -11.49
C LEU B 103 -13.91 9.57 -10.92
N ILE B 104 -13.54 9.41 -9.66
CA ILE B 104 -13.58 8.10 -9.03
C ILE B 104 -14.99 7.52 -8.99
N ASP B 105 -16.01 8.37 -9.08
CA ASP B 105 -17.38 7.87 -9.18
C ASP B 105 -17.73 7.37 -10.55
N LYS B 106 -16.93 7.74 -11.54
CA LYS B 106 -17.16 7.25 -12.89
C LYS B 106 -16.16 6.18 -13.37
N PHE B 107 -15.06 5.94 -12.66
CA PHE B 107 -14.12 4.92 -13.09
C PHE B 107 -14.78 3.55 -13.09
N ARG B 108 -14.42 2.71 -14.06
CA ARG B 108 -14.87 1.33 -14.05
C ARG B 108 -14.52 0.62 -12.74
N ASP B 109 -13.27 0.76 -12.32
CA ASP B 109 -12.82 0.27 -11.02
C ASP B 109 -12.66 1.44 -10.08
N PRO B 110 -13.53 1.53 -9.05
CA PRO B 110 -13.51 2.68 -8.14
C PRO B 110 -12.24 2.78 -7.32
N GLN B 111 -11.45 1.71 -7.22
CA GLN B 111 -10.21 1.73 -6.42
C GLN B 111 -9.03 2.21 -7.26
N MET B 112 -9.33 2.57 -8.51
CA MET B 112 -8.32 2.94 -9.50
C MET B 112 -7.31 3.99 -9.06
N CYS B 113 -6.02 3.72 -9.28
CA CYS B 113 -4.95 4.67 -9.02
C CYS B 113 -4.14 4.92 -10.29
N PHE B 114 -3.40 6.03 -10.33
CA PHE B 114 -2.58 6.42 -11.48
C PHE B 114 -1.12 6.68 -11.17
N ASP B 115 -0.27 6.39 -12.15
CA ASP B 115 1.14 6.77 -12.10
C ASP B 115 1.39 8.20 -12.63
N ILE B 116 0.57 8.63 -13.56
CA ILE B 116 0.68 9.98 -14.11
C ILE B 116 -0.71 10.52 -14.39
N CYS B 117 -0.94 11.75 -13.98
CA CYS B 117 -2.05 12.52 -14.51
C CYS B 117 -1.50 13.61 -15.40
N SER B 118 -1.90 13.60 -16.67
CA SER B 118 -1.45 14.58 -17.64
C SER B 118 -2.60 15.54 -17.91
N CYS B 119 -2.38 16.81 -17.57
CA CYS B 119 -3.36 17.84 -17.83
C CYS B 119 -2.76 18.88 -18.76
N GLN B 120 -3.03 18.77 -20.05
CA GLN B 120 -2.39 19.65 -21.03
C GLN B 120 -3.38 20.70 -21.52
N PHE B 121 -3.11 21.96 -21.18
CA PHE B 121 -3.91 23.11 -21.60
C PHE B 121 -5.35 23.07 -21.08
N VAL B 122 -5.51 22.68 -19.81
CA VAL B 122 -6.83 22.48 -19.20
C VAL B 122 -7.01 23.24 -17.89
N CYS B 123 -6.04 23.11 -16.98
CA CYS B 123 -6.17 23.58 -15.58
C CYS B 123 -6.77 24.97 -15.42
N HIS B 124 -6.43 25.88 -16.31
CA HIS B 124 -6.89 27.25 -16.16
C HIS B 124 -8.41 27.36 -16.25
N TYR B 125 -9.07 26.40 -16.89
CA TYR B 125 -10.52 26.42 -16.90
C TYR B 125 -11.15 26.21 -15.51
N SER B 126 -10.41 25.59 -14.60
CA SER B 126 -10.95 25.23 -13.29
C SER B 126 -10.88 26.37 -12.26
N PHE B 127 -10.18 27.45 -12.59
CA PHE B 127 -9.93 28.51 -11.61
C PHE B 127 -11.01 29.59 -11.55
N GLU B 128 -12.16 29.27 -12.13
CA GLU B 128 -13.40 30.05 -11.97
C GLU B 128 -13.80 30.24 -10.50
N SER B 129 -13.58 29.23 -9.67
CA SER B 129 -13.88 29.32 -8.24
C SER B 129 -12.96 28.39 -7.48
N TYR B 130 -12.87 28.57 -6.17
CA TYR B 130 -12.01 27.75 -5.34
C TYR B 130 -12.37 26.26 -5.43
N GLU B 131 -13.66 25.98 -5.35
CA GLU B 131 -14.14 24.61 -5.36
C GLU B 131 -13.79 23.91 -6.66
N GLN B 132 -13.96 24.58 -7.78
CA GLN B 132 -13.63 24.00 -9.07
C GLN B 132 -12.12 23.74 -9.17
N ALA B 133 -11.32 24.71 -8.72
CA ALA B 133 -9.87 24.56 -8.74
C ALA B 133 -9.40 23.41 -7.86
N ASP B 134 -9.92 23.36 -6.64
CA ASP B 134 -9.66 22.27 -5.72
C ASP B 134 -10.11 20.93 -6.27
N MET B 135 -11.29 20.91 -6.86
CA MET B 135 -11.86 19.68 -7.39
C MET B 135 -11.04 19.14 -8.57
N MET B 136 -10.59 20.00 -9.46
CA MET B 136 -9.76 19.50 -10.55
C MET B 136 -8.43 18.97 -10.01
N LEU B 137 -7.89 19.65 -9.00
CA LEU B 137 -6.65 19.17 -8.39
C LEU B 137 -6.86 17.81 -7.73
N ARG B 138 -7.97 17.66 -7.08
CA ARG B 138 -8.27 16.44 -6.43
C ARG B 138 -8.40 15.34 -7.47
N ASN B 139 -9.17 15.60 -8.50
CA ASN B 139 -9.32 14.62 -9.57
C ASN B 139 -7.96 14.26 -10.17
N ALA B 140 -7.06 15.25 -10.25
CA ALA B 140 -5.75 14.98 -10.83
C ALA B 140 -4.78 14.32 -9.84
N CYS B 141 -4.84 14.73 -8.58
CA CYS B 141 -3.81 14.28 -7.64
C CYS B 141 -4.15 13.23 -6.58
N GLU B 142 -5.43 13.05 -6.25
CA GLU B 142 -5.79 12.25 -5.09
C GLU B 142 -5.44 10.79 -5.29
N ARG B 143 -5.65 10.27 -6.51
CA ARG B 143 -5.41 8.87 -6.83
C ARG B 143 -4.03 8.57 -7.37
N LEU B 144 -3.15 9.56 -7.35
CA LEU B 144 -1.77 9.32 -7.76
C LEU B 144 -1.09 8.40 -6.76
N SER B 145 -0.47 7.34 -7.25
CA SER B 145 0.36 6.50 -6.41
C SER B 145 1.57 7.30 -5.92
N PRO B 146 2.13 6.90 -4.77
CA PRO B 146 3.33 7.58 -4.26
C PRO B 146 4.46 7.57 -5.29
N GLY B 147 5.04 8.73 -5.55
CA GLY B 147 6.06 8.83 -6.56
C GLY B 147 5.48 9.18 -7.91
N GLY B 148 4.14 9.15 -8.02
CA GLY B 148 3.46 9.48 -9.25
C GLY B 148 3.49 10.97 -9.54
N TYR B 149 3.10 11.38 -10.75
CA TYR B 149 3.25 12.77 -11.17
C TYR B 149 2.01 13.43 -11.74
N PHE B 150 1.86 14.71 -11.41
CA PHE B 150 0.85 15.58 -11.98
C PHE B 150 1.60 16.57 -12.88
N ILE B 151 1.43 16.41 -14.18
CA ILE B 151 2.16 17.23 -15.15
C ILE B 151 1.20 18.01 -16.05
N GLY B 152 1.65 19.17 -16.50
CA GLY B 152 0.80 19.97 -17.37
C GLY B 152 1.37 21.28 -17.91
N THR B 153 0.49 21.97 -18.62
CA THR B 153 0.85 23.19 -19.29
C THR B 153 -0.30 24.14 -19.09
N THR B 154 0.00 25.35 -18.66
CA THR B 154 -1.03 26.33 -18.41
C THR B 154 -0.43 27.71 -18.64
N PRO B 155 -1.27 28.72 -18.94
CA PRO B 155 -0.73 30.08 -19.11
C PRO B 155 0.00 30.58 -17.86
N ASN B 156 1.09 31.31 -18.10
CA ASN B 156 1.88 31.89 -17.04
C ASN B 156 1.31 33.26 -16.70
N SER B 157 0.73 33.36 -15.49
CA SER B 157 0.03 34.57 -15.07
C SER B 157 0.94 35.81 -15.05
N PHE B 158 2.21 35.64 -14.67
CA PHE B 158 3.17 36.74 -14.66
C PHE B 158 3.39 37.34 -16.04
N GLU B 159 3.52 36.48 -17.04
CA GLU B 159 3.67 36.96 -18.42
C GLU B 159 2.39 37.65 -18.87
N LEU B 160 1.25 37.07 -18.51
CA LEU B 160 -0.05 37.65 -18.86
C LEU B 160 -0.26 39.02 -18.24
N ILE B 161 0.08 39.17 -16.96
CA ILE B 161 -0.13 40.43 -16.26
C ILE B 161 0.81 41.48 -16.83
N ARG B 162 2.04 41.07 -17.11
CA ARG B 162 3.03 41.99 -17.67
C ARG B 162 2.59 42.60 -19.01
N ARG B 163 1.99 41.79 -19.88
CA ARG B 163 1.56 42.26 -21.20
C ARG B 163 0.30 43.11 -21.11
N LEU B 164 -0.59 42.76 -20.19
CA LEU B 164 -1.79 43.53 -19.94
C LEU B 164 -1.44 44.95 -19.50
N GLU B 165 -0.54 45.04 -18.52
CA GLU B 165 -0.18 46.32 -17.96
C GLU B 165 0.69 47.15 -18.88
N ALA B 166 1.36 46.51 -19.84
CA ALA B 166 2.14 47.24 -20.82
C ALA B 166 1.24 47.78 -21.92
N SER B 167 0.05 47.23 -22.03
CA SER B 167 -0.87 47.64 -23.08
C SER B 167 -1.57 48.96 -22.75
N GLU B 168 -2.01 49.68 -23.79
CA GLU B 168 -2.72 50.93 -23.59
C GLU B 168 -4.21 50.65 -23.37
N THR B 169 -4.61 49.40 -23.60
CA THR B 169 -5.99 48.94 -23.44
C THR B 169 -6.07 47.78 -22.46
N GLU B 170 -7.22 47.12 -22.42
CA GLU B 170 -7.41 45.94 -21.61
C GLU B 170 -7.11 44.67 -22.42
N SER B 171 -6.66 44.87 -23.66
CA SER B 171 -6.33 43.79 -24.60
C SER B 171 -4.88 43.83 -25.08
N PHE B 172 -4.40 42.69 -25.59
CA PHE B 172 -3.08 42.62 -26.23
C PHE B 172 -2.98 41.38 -27.13
N GLY B 173 -2.01 41.38 -28.04
CA GLY B 173 -1.79 40.25 -28.93
C GLY B 173 -1.08 40.61 -30.23
N ASN B 174 -1.25 39.78 -31.25
CA ASN B 174 -0.65 40.01 -32.57
C ASN B 174 -1.48 39.33 -33.66
N GLU B 175 -0.90 39.15 -34.85
CA GLU B 175 -1.57 38.47 -35.97
C GLU B 175 -2.22 37.15 -35.51
N ILE B 176 -1.57 36.53 -34.53
CA ILE B 176 -1.77 35.14 -34.18
C ILE B 176 -2.75 34.99 -33.02
N TYR B 177 -2.50 35.66 -31.91
CA TYR B 177 -3.35 35.51 -30.73
C TYR B 177 -3.90 36.83 -30.19
N THR B 178 -5.00 36.74 -29.43
CA THR B 178 -5.55 37.89 -28.72
C THR B 178 -6.02 37.53 -27.31
N VAL B 179 -5.59 38.32 -26.33
CA VAL B 179 -6.05 38.20 -24.95
C VAL B 179 -6.84 39.45 -24.55
N LYS B 180 -8.00 39.27 -23.94
CA LYS B 180 -8.73 40.44 -23.44
C LYS B 180 -9.27 40.23 -22.03
N PHE B 181 -8.75 41.02 -21.10
CA PHE B 181 -9.26 41.05 -19.75
C PHE B 181 -10.48 41.95 -19.67
N GLN B 182 -11.33 41.70 -18.70
CA GLN B 182 -12.43 42.59 -18.40
C GLN B 182 -11.97 43.82 -17.64
N LYS B 183 -10.93 43.65 -16.82
CA LYS B 183 -10.44 44.73 -15.99
C LYS B 183 -8.98 44.46 -15.64
N LYS B 184 -8.18 45.52 -15.53
CA LYS B 184 -6.79 45.37 -15.11
C LYS B 184 -6.67 45.98 -13.73
N GLY B 185 -5.65 45.57 -12.97
CA GLY B 185 -5.48 46.02 -11.61
C GLY B 185 -6.21 45.14 -10.61
N ASP B 186 -7.23 44.42 -11.09
CA ASP B 186 -8.05 43.57 -10.25
C ASP B 186 -7.86 42.09 -10.61
N TYR B 187 -7.16 41.36 -9.76
CA TYR B 187 -6.81 39.98 -10.03
C TYR B 187 -7.16 39.05 -8.88
N PRO B 188 -8.44 38.72 -8.72
CA PRO B 188 -8.83 37.81 -7.61
C PRO B 188 -8.24 36.43 -7.83
N LEU B 189 -7.99 35.70 -6.74
CA LEU B 189 -7.37 34.38 -6.81
C LEU B 189 -8.21 33.46 -7.70
N PHE B 190 -9.52 33.61 -7.64
CA PHE B 190 -10.42 32.81 -8.47
C PHE B 190 -11.36 33.71 -9.23
N GLY B 191 -11.76 33.28 -10.42
CA GLY B 191 -12.71 34.04 -11.19
C GLY B 191 -12.11 35.25 -11.92
N CYS B 192 -10.79 35.28 -12.05
CA CYS B 192 -10.17 36.34 -12.83
C CYS B 192 -10.14 35.88 -14.28
N LYS B 193 -11.08 36.44 -15.02
CA LYS B 193 -11.45 35.99 -16.35
C LYS B 193 -10.80 36.83 -17.43
N TYR B 194 -10.30 36.17 -18.46
CA TYR B 194 -9.86 36.87 -19.65
C TYR B 194 -10.26 36.02 -20.86
N ASP B 195 -10.47 36.68 -21.99
CA ASP B 195 -10.82 35.98 -23.22
C ASP B 195 -9.53 35.61 -23.95
N PHE B 196 -9.49 34.42 -24.53
CA PHE B 196 -8.31 34.01 -25.27
C PHE B 196 -8.67 33.52 -26.65
N ASN B 197 -8.08 34.17 -27.63
CA ASN B 197 -8.34 33.87 -29.03
C ASN B 197 -7.08 33.47 -29.76
N LEU B 198 -6.99 32.22 -30.15
CA LEU B 198 -5.93 31.86 -31.05
C LEU B 198 -6.44 31.95 -32.45
N GLU B 199 -7.60 31.39 -32.75
CA GLU B 199 -8.14 31.34 -34.12
C GLU B 199 -9.30 30.35 -34.29
N ASP B 203 -11.96 30.52 -29.52
CA ASP B 203 -12.41 31.67 -28.76
C ASP B 203 -13.11 31.30 -27.44
N VAL B 204 -12.32 31.04 -26.40
CA VAL B 204 -12.82 30.52 -25.13
C VAL B 204 -12.23 31.23 -23.90
N PRO B 205 -13.07 31.58 -22.92
CA PRO B 205 -12.66 32.22 -21.65
C PRO B 205 -11.72 31.38 -20.79
N GLU B 206 -10.75 32.04 -20.17
CA GLU B 206 -9.82 31.34 -19.30
C GLU B 206 -9.79 32.05 -17.95
N PHE B 207 -9.20 31.41 -16.95
CA PHE B 207 -9.08 32.04 -15.65
C PHE B 207 -7.61 32.04 -15.29
N LEU B 208 -7.20 33.12 -14.64
CA LEU B 208 -5.82 33.28 -14.26
C LEU B 208 -5.42 32.20 -13.27
N VAL B 209 -4.26 31.62 -13.48
CA VAL B 209 -3.73 30.67 -12.52
C VAL B 209 -2.48 31.28 -11.89
N TYR B 210 -2.61 31.73 -10.65
CA TYR B 210 -1.45 32.29 -9.97
C TYR B 210 -0.68 31.10 -9.47
N PHE B 211 0.51 30.89 -10.02
CA PHE B 211 1.18 29.63 -9.78
C PHE B 211 1.53 29.36 -8.30
N PRO B 212 1.98 30.37 -7.56
CA PRO B 212 2.22 30.09 -6.14
C PRO B 212 0.98 29.60 -5.41
N LEU B 213 -0.20 29.99 -5.87
CA LEU B 213 -1.45 29.51 -5.33
C LEU B 213 -1.68 28.04 -5.66
N LEU B 214 -1.46 27.69 -6.94
CA LEU B 214 -1.60 26.32 -7.40
C LEU B 214 -0.66 25.41 -6.62
N ASN B 215 0.56 25.90 -6.38
CA ASN B 215 1.54 25.16 -5.60
C ASN B 215 1.05 24.87 -4.18
N GLU B 216 0.47 25.90 -3.57
CA GLU B 216 -0.02 25.79 -2.21
C GLU B 216 -1.19 24.82 -2.14
N MET B 217 -2.16 24.99 -3.05
CA MET B 217 -3.34 24.12 -3.08
C MET B 217 -3.01 22.64 -3.33
N ALA B 218 -1.96 22.39 -4.12
CA ALA B 218 -1.55 21.02 -4.42
C ALA B 218 -1.05 20.27 -3.19
N LYS B 219 -0.56 21.00 -2.19
CA LYS B 219 -0.08 20.41 -0.93
C LYS B 219 -1.20 19.66 -0.21
N LYS B 220 -2.44 20.09 -0.42
CA LYS B 220 -3.58 19.45 0.21
C LYS B 220 -3.65 17.97 -0.17
N TYR B 221 -3.15 17.65 -1.37
CA TYR B 221 -3.15 16.29 -1.89
C TYR B 221 -1.77 15.66 -1.77
N ASN B 222 -0.93 16.27 -0.93
CA ASN B 222 0.39 15.74 -0.61
C ASN B 222 1.31 15.73 -1.82
N MET B 223 1.23 16.81 -2.59
CA MET B 223 2.05 16.97 -3.78
C MET B 223 3.16 17.94 -3.48
N LYS B 224 4.35 17.64 -4.01
CA LYS B 224 5.47 18.57 -3.98
C LYS B 224 5.86 19.00 -5.39
N LEU B 225 6.19 20.26 -5.57
CA LEU B 225 6.63 20.77 -6.88
C LEU B 225 7.94 20.13 -7.30
N VAL B 226 7.96 19.54 -8.50
CA VAL B 226 9.18 19.04 -9.11
C VAL B 226 9.84 20.19 -9.87
N TYR B 227 9.14 20.74 -10.85
CA TYR B 227 9.58 22.00 -11.43
C TYR B 227 8.47 22.79 -12.10
N LYS B 228 8.78 24.07 -12.29
CA LYS B 228 8.00 25.03 -13.04
C LYS B 228 8.89 25.79 -14.00
N LYS B 229 8.58 25.73 -15.27
CA LYS B 229 9.40 26.32 -16.30
C LYS B 229 8.55 27.02 -17.33
N THR B 230 8.97 28.19 -17.78
CA THR B 230 8.28 28.85 -18.88
C THR B 230 8.50 28.03 -20.13
N PHE B 231 7.65 28.21 -21.14
CA PHE B 231 7.84 27.47 -22.39
C PHE B 231 9.24 27.77 -22.95
N LEU B 232 9.71 29.01 -22.80
CA LEU B 232 11.04 29.37 -23.29
C LEU B 232 12.15 28.63 -22.55
N GLU B 233 12.14 28.69 -21.23
CA GLU B 233 13.15 27.99 -20.44
C GLU B 233 13.17 26.50 -20.79
N PHE B 234 11.98 25.91 -20.87
CA PHE B 234 11.84 24.49 -21.19
C PHE B 234 12.40 24.18 -22.58
N TYR B 235 12.07 25.04 -23.53
CA TYR B 235 12.56 24.92 -24.90
C TYR B 235 14.09 24.99 -24.93
N GLU B 236 14.65 25.91 -24.15
CA GLU B 236 16.08 26.12 -24.13
C GLU B 236 16.83 24.92 -23.58
N GLU B 237 16.26 24.28 -22.56
CA GLU B 237 16.93 23.14 -21.95
C GLU B 237 16.79 21.90 -22.83
N LYS B 238 15.57 21.67 -23.29
CA LYS B 238 15.20 20.43 -23.95
C LYS B 238 15.85 20.30 -25.33
N ILE B 239 16.10 21.43 -25.98
CA ILE B 239 16.68 21.39 -27.30
C ILE B 239 18.22 21.25 -27.29
N LYS B 240 18.81 21.15 -26.11
CA LYS B 240 20.22 20.77 -25.99
C LYS B 240 20.34 19.24 -26.03
N ASN B 241 19.21 18.60 -26.29
CA ASN B 241 19.17 17.17 -26.54
C ASN B 241 18.94 16.94 -28.01
N ASN B 242 19.85 16.20 -28.62
CA ASN B 242 19.86 16.08 -30.06
C ASN B 242 18.73 15.24 -30.59
N GLU B 243 18.25 14.29 -29.79
CA GLU B 243 17.12 13.49 -30.19
C GLU B 243 15.88 14.38 -30.15
N ASN B 244 15.79 15.22 -29.11
CA ASN B 244 14.69 16.16 -28.97
C ASN B 244 14.64 17.15 -30.11
N LYS B 245 15.81 17.52 -30.61
CA LYS B 245 15.85 18.53 -31.64
C LYS B 245 15.47 17.90 -32.97
N MET B 246 15.89 16.65 -33.17
CA MET B 246 15.60 16.01 -34.45
C MET B 246 14.19 15.45 -34.47
N LEU B 247 13.61 15.27 -33.29
CA LEU B 247 12.18 15.02 -33.20
C LEU B 247 11.43 16.27 -33.66
N LEU B 248 11.82 17.41 -33.13
CA LEU B 248 11.20 18.66 -33.54
C LEU B 248 11.37 18.92 -35.05
N LYS B 249 12.53 18.56 -35.61
CA LYS B 249 12.75 18.81 -37.02
C LYS B 249 11.94 17.85 -37.89
N ARG B 250 11.76 16.62 -37.43
CA ARG B 250 10.94 15.68 -38.18
C ARG B 250 9.47 16.00 -38.02
N MET B 251 9.11 16.59 -36.89
CA MET B 251 7.74 17.00 -36.66
C MET B 251 7.50 18.27 -37.44
N GLN B 252 8.58 18.87 -37.96
CA GLN B 252 8.60 20.11 -38.73
C GLN B 252 8.00 21.20 -37.88
N ARG B 286 13.17 39.77 -26.49
CA ARG B 286 14.29 38.84 -26.39
C ARG B 286 13.82 37.41 -26.69
N LEU B 287 13.25 37.24 -27.86
CA LEU B 287 12.78 35.95 -28.34
C LEU B 287 13.92 35.28 -29.10
N PRO B 288 13.96 33.94 -29.11
CA PRO B 288 15.04 33.34 -29.89
C PRO B 288 14.74 33.41 -31.38
N LEU B 289 15.79 33.26 -32.18
CA LEU B 289 15.69 33.29 -33.64
C LEU B 289 15.10 31.98 -34.13
N GLY B 290 15.61 30.91 -33.52
CA GLY B 290 15.25 29.56 -33.89
C GLY B 290 13.79 29.19 -33.85
N THR B 291 13.41 28.34 -34.80
CA THR B 291 12.26 27.45 -34.75
C THR B 291 10.88 28.05 -34.91
N LEU B 292 10.69 29.30 -34.49
CA LEU B 292 9.38 29.95 -34.63
C LEU B 292 9.60 31.37 -35.07
N SER B 293 8.60 31.92 -35.75
CA SER B 293 8.58 33.34 -36.07
C SER B 293 8.37 34.15 -34.80
N LYS B 294 8.64 35.45 -34.86
CA LYS B 294 8.56 36.24 -33.65
C LYS B 294 7.11 36.25 -33.11
N SER B 295 6.11 36.29 -33.99
CA SER B 295 4.71 36.21 -33.54
C SER B 295 4.37 34.88 -32.89
N GLU B 296 4.87 33.80 -33.48
CA GLU B 296 4.67 32.47 -32.95
C GLU B 296 5.35 32.37 -31.59
N TRP B 297 6.50 33.01 -31.45
CA TRP B 297 7.20 32.94 -30.17
C TRP B 297 6.43 33.68 -29.09
N GLU B 298 5.83 34.82 -29.47
CA GLU B 298 5.03 35.58 -28.53
C GLU B 298 3.80 34.78 -28.04
N ALA B 299 3.20 34.01 -28.93
CA ALA B 299 2.02 33.27 -28.55
C ALA B 299 2.41 32.14 -27.59
N THR B 300 3.49 31.45 -27.88
CA THR B 300 3.81 30.25 -27.12
C THR B 300 4.47 30.62 -25.79
N SER B 301 5.16 31.75 -25.75
CA SER B 301 5.88 32.17 -24.55
C SER B 301 4.92 32.61 -23.43
N ILE B 302 3.64 32.62 -23.74
CA ILE B 302 2.56 32.88 -22.77
C ILE B 302 2.47 31.76 -21.73
N TYR B 303 2.93 30.58 -22.12
CA TYR B 303 2.73 29.35 -21.35
C TYR B 303 3.91 28.93 -20.47
N LEU B 304 3.57 28.18 -19.43
CA LEU B 304 4.56 27.47 -18.63
C LEU B 304 4.23 25.98 -18.58
N VAL B 305 5.23 25.17 -18.22
CA VAL B 305 5.04 23.76 -17.97
C VAL B 305 5.28 23.51 -16.48
N PHE B 306 4.57 22.55 -15.92
CA PHE B 306 4.76 22.22 -14.52
C PHE B 306 4.73 20.71 -14.27
N ALA B 307 5.33 20.30 -13.16
CA ALA B 307 5.20 18.93 -12.67
C ALA B 307 5.22 18.87 -11.14
N PHE B 308 4.28 18.13 -10.57
CA PHE B 308 4.23 17.89 -9.13
C PHE B 308 4.40 16.39 -8.87
N GLU B 309 4.93 16.04 -7.70
CA GLU B 309 5.13 14.64 -7.34
C GLU B 309 4.35 14.26 -6.09
N LYS B 310 3.71 13.10 -6.15
CA LYS B 310 3.00 12.60 -4.99
C LYS B 310 4.00 12.09 -3.96
N GLN B 311 3.95 12.63 -2.76
CA GLN B 311 4.86 12.20 -1.70
C GLN B 311 4.43 10.85 -1.12
N GLN B 312 5.37 10.17 -0.45
CA GLN B 312 5.16 8.82 0.06
C GLN B 312 4.45 8.85 1.41
N SER C 3 34.14 -34.92 18.49
CA SER C 3 34.73 -33.96 17.56
C SER C 3 35.55 -32.90 18.29
N ARG C 4 34.88 -31.78 18.58
CA ARG C 4 35.46 -30.68 19.35
C ARG C 4 35.92 -31.21 20.70
N ILE C 5 34.98 -31.83 21.39
CA ILE C 5 35.14 -32.29 22.77
C ILE C 5 35.43 -33.78 22.86
N PHE C 6 35.73 -34.41 21.72
CA PHE C 6 36.08 -35.83 21.71
C PHE C 6 37.12 -36.25 22.74
N TYR C 7 38.21 -35.49 22.86
CA TYR C 7 39.26 -35.92 23.78
C TYR C 7 38.84 -35.68 25.23
N LEU C 8 38.02 -34.67 25.44
CA LEU C 8 37.50 -34.34 26.76
C LEU C 8 36.57 -35.44 27.28
N ARG C 9 35.70 -35.93 26.41
CA ARG C 9 34.79 -37.02 26.76
C ARG C 9 35.62 -38.27 27.04
N ASN C 10 36.64 -38.49 26.21
CA ASN C 10 37.54 -39.62 26.39
C ASN C 10 38.26 -39.60 27.72
N PHE C 11 38.73 -38.41 28.08
CA PHE C 11 39.43 -38.22 29.35
C PHE C 11 38.51 -38.50 30.54
N ASN C 12 37.28 -38.00 30.48
CA ASN C 12 36.28 -38.24 31.52
C ASN C 12 36.04 -39.73 31.70
N ASN C 13 35.98 -40.46 30.57
CA ASN C 13 35.81 -41.91 30.59
C ASN C 13 36.97 -42.62 31.24
N TRP C 14 38.16 -42.13 30.97
CA TRP C 14 39.35 -42.74 31.54
C TRP C 14 39.38 -42.52 33.04
N MET C 15 38.99 -41.32 33.47
CA MET C 15 38.90 -40.99 34.89
C MET C 15 37.93 -41.95 35.59
N LYS C 16 36.75 -42.14 35.01
CA LYS C 16 35.76 -43.05 35.60
C LYS C 16 36.27 -44.49 35.64
N SER C 17 36.94 -44.92 34.57
CA SER C 17 37.49 -46.27 34.48
C SER C 17 38.43 -46.58 35.62
N VAL C 18 39.36 -45.68 35.86
CA VAL C 18 40.40 -45.88 36.86
C VAL C 18 39.82 -45.78 38.27
N LEU C 19 38.87 -44.87 38.44
CA LEU C 19 38.16 -44.75 39.71
C LEU C 19 37.36 -46.02 40.02
N ILE C 20 36.54 -46.43 39.07
CA ILE C 20 35.72 -47.63 39.19
C ILE C 20 36.64 -48.83 39.38
N GLY C 21 37.72 -48.82 38.60
CA GLY C 21 38.74 -49.84 38.68
C GLY C 21 39.33 -49.94 40.06
N GLU C 22 39.64 -48.80 40.66
CA GLU C 22 40.27 -48.78 41.97
C GLU C 22 39.38 -49.41 43.05
N PHE C 23 38.09 -49.07 43.04
CA PHE C 23 37.22 -49.55 44.13
C PHE C 23 36.59 -50.93 43.87
N LEU C 24 36.55 -51.35 42.61
CA LEU C 24 36.12 -52.72 42.31
C LEU C 24 37.14 -53.65 42.92
N GLU C 25 38.39 -53.24 42.86
CA GLU C 25 39.42 -54.10 43.37
C GLU C 25 39.48 -54.14 44.88
N LYS C 26 39.23 -52.98 45.49
CA LYS C 26 39.21 -52.88 46.94
C LYS C 26 38.10 -53.78 47.49
N VAL C 27 36.96 -53.76 46.83
CA VAL C 27 35.84 -54.62 47.17
C VAL C 27 36.24 -56.09 47.08
N ARG C 28 36.91 -56.45 45.99
CA ARG C 28 37.32 -57.83 45.76
C ARG C 28 38.39 -58.31 46.75
N GLN C 29 39.15 -57.37 47.31
CA GLN C 29 40.15 -57.73 48.30
C GLN C 29 39.49 -58.10 49.63
N LYS C 30 38.26 -57.65 49.84
CA LYS C 30 37.49 -58.07 51.00
C LYS C 30 36.52 -59.24 50.72
N LYS C 31 35.59 -59.05 49.79
CA LYS C 31 34.47 -59.95 49.52
C LYS C 31 34.82 -61.24 48.79
N LYS C 32 35.32 -61.09 47.55
CA LYS C 32 35.71 -62.21 46.69
C LYS C 32 34.51 -63.04 46.23
N ARG C 33 33.35 -62.40 46.11
CA ARG C 33 32.10 -63.06 45.72
C ARG C 33 31.22 -62.08 44.95
N ASP C 34 29.92 -62.36 44.86
CA ASP C 34 29.01 -61.58 44.02
C ASP C 34 29.11 -60.06 44.20
N ILE C 35 29.55 -59.37 43.16
CA ILE C 35 29.71 -57.91 43.23
C ILE C 35 28.41 -57.28 42.74
N THR C 36 27.77 -56.50 43.59
CA THR C 36 26.52 -55.84 43.23
C THR C 36 26.72 -54.33 43.26
N VAL C 37 26.26 -53.65 42.20
CA VAL C 37 26.55 -52.24 42.00
C VAL C 37 25.29 -51.43 41.66
N LEU C 38 25.14 -50.26 42.27
CA LEU C 38 24.11 -49.30 41.86
C LEU C 38 24.73 -48.12 41.10
N ASP C 39 24.34 -47.95 39.83
CA ASP C 39 24.81 -46.82 39.04
C ASP C 39 23.69 -45.79 39.02
N LEU C 40 23.85 -44.74 39.83
CA LEU C 40 22.81 -43.76 40.11
C LEU C 40 23.01 -42.58 39.15
N GLY C 41 22.02 -42.35 38.30
CA GLY C 41 22.15 -41.39 37.20
C GLY C 41 22.95 -41.94 36.04
N CYS C 42 22.59 -43.15 35.65
CA CYS C 42 23.36 -43.95 34.70
C CYS C 42 23.35 -43.38 33.28
N GLY C 43 22.43 -42.47 33.00
CA GLY C 43 22.29 -41.93 31.66
C GLY C 43 22.06 -43.00 30.61
N LYS C 44 22.73 -42.85 29.46
CA LYS C 44 22.50 -43.73 28.33
C LYS C 44 23.37 -44.98 28.35
N GLY C 45 24.05 -45.22 29.46
CA GLY C 45 24.83 -46.43 29.64
C GLY C 45 26.31 -46.34 29.31
N GLY C 46 26.88 -45.13 29.45
CA GLY C 46 28.28 -44.92 29.14
C GLY C 46 29.25 -45.73 29.99
N ASP C 47 28.81 -46.20 31.17
CA ASP C 47 29.70 -46.99 32.03
C ASP C 47 29.44 -48.51 31.98
N LEU C 48 28.49 -48.94 31.15
CA LEU C 48 28.15 -50.37 31.06
C LEU C 48 29.36 -51.27 30.83
N LEU C 49 30.20 -50.88 29.88
CA LEU C 49 31.32 -51.70 29.49
C LEU C 49 32.38 -51.75 30.58
N LYS C 50 32.46 -50.67 31.35
CA LYS C 50 33.38 -50.61 32.48
C LYS C 50 32.98 -51.64 33.52
N TRP C 51 31.69 -51.76 33.78
CA TRP C 51 31.18 -52.74 34.74
C TRP C 51 31.32 -54.14 34.18
N LYS C 52 31.19 -54.26 32.87
CA LYS C 52 31.31 -55.56 32.26
C LYS C 52 32.74 -56.06 32.38
N LYS C 53 33.71 -55.18 32.21
CA LYS C 53 35.08 -55.63 32.33
C LYS C 53 35.57 -55.65 33.77
N GLY C 54 34.78 -55.09 34.67
CA GLY C 54 35.07 -55.25 36.08
C GLY C 54 34.52 -56.60 36.51
N ARG C 55 33.80 -57.24 35.60
CA ARG C 55 33.23 -58.57 35.82
C ARG C 55 32.29 -58.62 37.04
N ILE C 56 31.44 -57.60 37.19
CA ILE C 56 30.48 -57.59 38.27
C ILE C 56 29.33 -58.56 37.97
N ASN C 57 28.62 -58.93 39.02
CA ASN C 57 27.52 -59.88 38.87
C ASN C 57 26.13 -59.28 38.64
N LYS C 58 25.83 -58.15 39.27
CA LYS C 58 24.52 -57.50 39.08
C LYS C 58 24.65 -55.99 39.06
N LEU C 59 23.91 -55.36 38.16
CA LEU C 59 23.91 -53.92 38.06
C LEU C 59 22.47 -53.38 38.11
N VAL C 60 22.26 -52.33 38.88
CA VAL C 60 21.01 -51.59 38.81
C VAL C 60 21.29 -50.24 38.15
N CYS C 61 20.68 -50.00 37.00
CA CYS C 61 20.83 -48.71 36.32
C CYS C 61 19.62 -47.84 36.54
N THR C 62 19.82 -46.62 37.05
CA THR C 62 18.70 -45.74 37.26
C THR C 62 18.99 -44.31 36.87
N ASP C 63 17.97 -43.63 36.38
CA ASP C 63 18.11 -42.27 35.94
C ASP C 63 16.73 -41.65 35.97
N ILE C 64 16.67 -40.33 36.01
CA ILE C 64 15.40 -39.62 35.97
C ILE C 64 14.87 -39.54 34.53
N ALA C 65 15.76 -39.65 33.54
CA ALA C 65 15.37 -39.52 32.15
C ALA C 65 15.02 -40.86 31.54
N ASP C 66 13.74 -41.06 31.28
CA ASP C 66 13.23 -42.34 30.82
C ASP C 66 13.80 -42.78 29.48
N VAL C 67 13.96 -41.84 28.57
CA VAL C 67 14.49 -42.16 27.25
C VAL C 67 15.94 -42.61 27.38
N SER C 68 16.69 -41.99 28.29
CA SER C 68 18.06 -42.44 28.53
C SER C 68 18.08 -43.85 29.13
N VAL C 69 17.25 -44.08 30.15
CA VAL C 69 17.16 -45.39 30.77
C VAL C 69 16.84 -46.46 29.72
N LYS C 70 15.86 -46.17 28.87
CA LYS C 70 15.48 -47.12 27.82
C LYS C 70 16.63 -47.34 26.83
N GLN C 71 17.35 -46.28 26.51
CA GLN C 71 18.51 -46.43 25.65
C GLN C 71 19.62 -47.21 26.35
N CYS C 72 19.82 -46.97 27.64
CA CYS C 72 20.78 -47.73 28.43
C CYS C 72 20.45 -49.22 28.41
N GLN C 73 19.17 -49.53 28.57
CA GLN C 73 18.71 -50.93 28.53
C GLN C 73 18.99 -51.58 27.18
N GLN C 74 18.70 -50.85 26.11
CA GLN C 74 18.92 -51.39 24.76
C GLN C 74 20.41 -51.65 24.55
N ARG C 75 21.25 -50.73 25.02
CA ARG C 75 22.69 -50.92 24.91
C ARG C 75 23.16 -52.14 25.70
N TYR C 76 22.54 -52.37 26.84
CA TYR C 76 22.89 -53.53 27.64
C TYR C 76 22.50 -54.79 26.90
N GLU C 77 21.30 -54.78 26.33
CA GLU C 77 20.79 -55.95 25.63
C GLU C 77 21.70 -56.28 24.44
N ASP C 78 22.09 -55.25 23.70
CA ASP C 78 22.95 -55.45 22.54
C ASP C 78 24.34 -55.99 22.92
N MET C 79 24.88 -55.56 24.06
CA MET C 79 26.18 -56.04 24.50
C MET C 79 26.23 -57.53 24.84
N LYS C 80 25.17 -57.98 25.49
CA LYS C 80 24.98 -59.31 25.97
C LYS C 80 24.60 -60.21 24.81
N ASN C 81 23.89 -59.67 23.85
CA ASN C 81 23.52 -60.38 22.66
C ASN C 81 24.45 -60.28 21.46
N ARG C 82 25.72 -60.03 21.65
CA ARG C 82 26.65 -60.09 20.57
C ARG C 82 26.93 -61.56 20.52
N ARG C 83 27.71 -62.06 19.56
CA ARG C 83 28.02 -63.48 19.38
C ARG C 83 29.17 -63.81 20.28
N ASP C 84 29.11 -64.94 20.97
CA ASP C 84 30.23 -65.41 21.76
C ASP C 84 30.81 -64.45 22.80
N SER C 85 29.96 -63.73 23.51
CA SER C 85 30.41 -62.67 24.42
C SER C 85 30.75 -63.21 25.80
N GLU C 86 31.84 -62.79 26.41
CA GLU C 86 32.03 -63.29 27.74
C GLU C 86 30.80 -63.01 28.60
N TYR C 87 30.98 -63.28 29.88
CA TYR C 87 29.92 -63.16 30.83
C TYR C 87 29.57 -61.74 31.06
N ILE C 88 28.29 -61.47 31.16
CA ILE C 88 27.82 -60.16 31.55
C ILE C 88 26.91 -60.19 32.78
N PHE C 89 27.01 -59.18 33.65
CA PHE C 89 26.11 -59.09 34.79
C PHE C 89 24.64 -59.11 34.37
N SER C 90 23.77 -59.57 35.26
CA SER C 90 22.34 -59.34 35.08
C SER C 90 22.07 -57.88 35.44
N ALA C 91 21.06 -57.28 34.82
CA ALA C 91 20.85 -55.87 34.98
C ALA C 91 19.38 -55.53 35.24
N GLU C 92 19.15 -54.40 35.88
CA GLU C 92 17.83 -53.94 36.23
C GLU C 92 17.77 -52.45 35.93
N PHE C 93 16.69 -52.00 35.31
CA PHE C 93 16.60 -50.62 34.81
C PHE C 93 15.40 -49.88 35.38
N ILE C 94 15.67 -48.74 36.02
CA ILE C 94 14.66 -48.01 36.77
C ILE C 94 14.62 -46.51 36.45
N THR C 95 13.51 -46.06 35.91
CA THR C 95 13.29 -44.64 35.76
C THR C 95 12.78 -44.08 37.07
N ALA C 96 13.49 -43.10 37.63
CA ALA C 96 13.07 -42.50 38.89
C ALA C 96 13.80 -41.19 39.14
N ASP C 97 13.18 -40.31 39.93
CA ASP C 97 13.85 -39.12 40.43
C ASP C 97 14.48 -39.52 41.75
N SER C 98 15.81 -39.65 41.75
CA SER C 98 16.48 -40.16 42.93
C SER C 98 16.67 -39.06 43.97
N SER C 99 16.25 -37.85 43.65
CA SER C 99 16.22 -36.81 44.66
C SER C 99 14.83 -36.60 45.27
N LYS C 100 13.77 -37.09 44.61
CA LYS C 100 12.41 -37.05 45.18
C LYS C 100 11.76 -38.41 45.49
N GLU C 101 12.34 -39.50 45.01
CA GLU C 101 11.76 -40.83 45.15
C GLU C 101 12.74 -41.78 45.82
N LEU C 102 12.19 -42.71 46.59
CA LEU C 102 12.98 -43.73 47.27
C LEU C 102 13.19 -44.93 46.36
N LEU C 103 14.44 -45.23 46.03
CA LEU C 103 14.78 -46.32 45.10
C LEU C 103 14.41 -47.67 45.70
N ILE C 104 14.49 -47.74 47.02
CA ILE C 104 14.17 -48.94 47.74
C ILE C 104 12.72 -49.38 47.49
N ASP C 105 11.87 -48.42 47.11
CA ASP C 105 10.49 -48.70 46.76
C ASP C 105 10.33 -49.17 45.32
N LYS C 106 11.32 -48.91 44.48
CA LYS C 106 11.24 -49.37 43.10
C LYS C 106 12.10 -50.59 42.78
N PHE C 107 12.96 -51.00 43.71
CA PHE C 107 13.78 -52.18 43.47
C PHE C 107 12.88 -53.39 43.29
N ARG C 108 13.30 -54.26 42.39
CA ARG C 108 12.64 -55.52 42.17
C ARG C 108 12.62 -56.23 43.52
N ASP C 109 13.79 -56.28 44.14
CA ASP C 109 14.00 -56.73 45.51
C ASP C 109 14.36 -55.62 46.48
N PRO C 110 13.45 -55.24 47.37
CA PRO C 110 13.74 -54.18 48.35
C PRO C 110 14.78 -54.59 49.38
N GLN C 111 15.09 -55.88 49.49
CA GLN C 111 16.08 -56.32 50.48
C GLN C 111 17.51 -56.30 49.91
N MET C 112 17.63 -55.99 48.64
CA MET C 112 18.91 -56.00 47.93
C MET C 112 19.99 -55.10 48.55
N CYS C 113 21.24 -55.57 48.54
CA CYS C 113 22.36 -54.77 49.03
C CYS C 113 23.40 -54.49 47.95
N PHE C 114 24.20 -53.43 48.13
CA PHE C 114 25.25 -53.08 47.16
C PHE C 114 26.65 -53.00 47.74
N ASP C 115 27.62 -53.40 46.94
CA ASP C 115 29.04 -53.21 47.25
C ASP C 115 29.55 -51.84 46.84
N ILE C 116 28.97 -51.29 45.78
CA ILE C 116 29.35 -49.97 45.30
C ILE C 116 28.14 -49.20 44.77
N CYS C 117 28.01 -47.94 45.16
CA CYS C 117 27.15 -47.02 44.42
C CYS C 117 28.02 -46.06 43.67
N SER C 118 27.84 -46.04 42.36
CA SER C 118 28.58 -45.17 41.47
C SER C 118 27.68 -44.03 41.02
N CYS C 119 28.06 -42.80 41.35
CA CYS C 119 27.33 -41.64 40.90
C CYS C 119 28.23 -40.67 40.10
N GLN C 120 28.17 -40.75 38.78
CA GLN C 120 29.10 -40.01 37.94
C GLN C 120 28.46 -38.81 37.24
N PHE C 121 28.89 -37.61 37.62
CA PHE C 121 28.41 -36.36 37.04
C PHE C 121 26.91 -36.15 37.29
N VAL C 122 26.48 -36.48 38.50
CA VAL C 122 25.06 -36.51 38.88
C VAL C 122 24.73 -35.71 40.12
N CYS C 123 25.50 -35.93 41.20
CA CYS C 123 25.19 -35.40 42.53
C CYS C 123 24.73 -33.95 42.58
N HIS C 124 25.33 -33.09 41.76
CA HIS C 124 25.06 -31.67 41.83
C HIS C 124 23.64 -31.30 41.44
N TYR C 125 22.98 -32.14 40.66
CA TYR C 125 21.60 -31.88 40.33
C TYR C 125 20.69 -31.95 41.57
N SER C 126 21.12 -32.70 42.60
CA SER C 126 20.26 -32.93 43.77
C SER C 126 20.31 -31.80 44.78
N PHE C 127 21.23 -30.86 44.61
CA PHE C 127 21.46 -29.85 45.64
C PHE C 127 20.56 -28.63 45.47
N GLU C 128 19.54 -28.80 44.66
CA GLU C 128 18.48 -27.82 44.53
C GLU C 128 17.83 -27.49 45.88
N SER C 129 17.74 -28.47 46.76
CA SER C 129 17.19 -28.25 48.09
C SER C 129 17.79 -29.24 49.07
N TYR C 130 17.62 -28.97 50.37
CA TYR C 130 18.18 -29.88 51.37
C TYR C 130 17.62 -31.29 51.23
N GLU C 131 16.30 -31.38 51.07
CA GLU C 131 15.61 -32.67 51.00
C GLU C 131 16.04 -33.53 49.80
N GLN C 132 16.15 -32.88 48.65
CA GLN C 132 16.61 -33.56 47.44
C GLN C 132 18.04 -34.06 47.63
N ALA C 133 18.87 -33.24 48.23
CA ALA C 133 20.25 -33.63 48.50
C ALA C 133 20.32 -34.80 49.46
N ASP C 134 19.58 -34.71 50.57
CA ASP C 134 19.53 -35.78 51.54
C ASP C 134 18.97 -37.07 50.90
N MET C 135 17.93 -36.90 50.10
CA MET C 135 17.28 -38.03 49.45
C MET C 135 18.22 -38.76 48.47
N MET C 136 19.01 -38.02 47.69
CA MET C 136 19.92 -38.70 46.78
C MET C 136 21.02 -39.43 47.55
N LEU C 137 21.50 -38.81 48.62
CA LEU C 137 22.51 -39.44 49.46
C LEU C 137 21.98 -40.72 50.07
N ARG C 138 20.75 -40.67 50.54
CA ARG C 138 20.06 -41.83 51.07
C ARG C 138 19.96 -42.91 50.02
N ASN C 139 19.51 -42.53 48.85
CA ASN C 139 19.40 -43.49 47.76
C ASN C 139 20.76 -44.13 47.40
N ALA C 140 21.83 -43.35 47.54
CA ALA C 140 23.14 -43.89 47.23
C ALA C 140 23.67 -44.77 48.35
N CYS C 141 23.43 -44.37 49.59
CA CYS C 141 24.11 -45.03 50.71
C CYS C 141 23.32 -46.02 51.56
N GLU C 142 22.00 -45.98 51.47
CA GLU C 142 21.17 -46.74 52.40
C GLU C 142 21.36 -48.24 52.29
N ARG C 143 21.45 -48.73 51.07
CA ARG C 143 21.55 -50.16 50.81
C ARG C 143 22.99 -50.64 50.63
N LEU C 144 23.94 -49.76 50.89
CA LEU C 144 25.36 -50.16 50.90
C LEU C 144 25.71 -51.11 52.04
N SER C 145 26.32 -52.24 51.73
CA SER C 145 26.87 -53.09 52.77
C SER C 145 28.01 -52.38 53.48
N PRO C 146 28.23 -52.73 54.77
CA PRO C 146 29.35 -52.16 55.52
C PRO C 146 30.66 -52.48 54.80
N GLY C 147 31.50 -51.47 54.61
CA GLY C 147 32.73 -51.68 53.86
C GLY C 147 32.52 -51.35 52.39
N GLY C 148 31.26 -51.15 52.00
CA GLY C 148 30.90 -50.77 50.64
C GLY C 148 31.21 -49.31 50.36
N TYR C 149 31.14 -48.91 49.08
CA TYR C 149 31.59 -47.57 48.70
C TYR C 149 30.60 -46.77 47.88
N PHE C 150 30.60 -45.46 48.15
CA PHE C 150 29.86 -44.47 47.40
C PHE C 150 30.91 -43.63 46.68
N ILE C 151 31.00 -43.79 45.35
CA ILE C 151 32.02 -43.08 44.58
C ILE C 151 31.39 -42.19 43.52
N GLY C 152 32.07 -41.12 43.14
CA GLY C 152 31.52 -40.24 42.13
C GLY C 152 32.35 -39.07 41.69
N THR C 153 31.75 -38.24 40.85
CA THR C 153 32.41 -37.10 40.25
C THR C 153 31.45 -35.93 40.23
N THR C 154 31.88 -34.76 40.68
CA THR C 154 31.00 -33.59 40.71
C THR C 154 31.86 -32.33 40.57
N PRO C 155 31.26 -31.21 40.11
CA PRO C 155 32.07 -29.99 40.06
C PRO C 155 32.63 -29.58 41.43
N ASN C 156 33.86 -29.09 41.43
CA ASN C 156 34.49 -28.60 42.66
C ASN C 156 34.05 -27.16 42.87
N SER C 157 33.28 -26.93 43.94
CA SER C 157 32.72 -25.61 44.19
C SER C 157 33.80 -24.55 44.40
N PHE C 158 34.92 -24.93 45.01
CA PHE C 158 36.02 -23.99 45.20
C PHE C 158 36.58 -23.44 43.88
N GLU C 159 36.78 -24.33 42.91
CA GLU C 159 37.28 -23.93 41.63
C GLU C 159 36.23 -23.07 40.92
N LEU C 160 34.96 -23.46 41.02
CA LEU C 160 33.90 -22.68 40.38
C LEU C 160 33.82 -21.26 40.95
N ILE C 161 33.88 -21.12 42.28
CA ILE C 161 33.78 -19.79 42.88
C ILE C 161 35.02 -18.94 42.57
N ARG C 162 36.19 -19.56 42.65
CA ARG C 162 37.45 -18.89 42.43
C ARG C 162 37.50 -18.24 41.04
N ARG C 163 37.01 -18.96 40.05
CA ARG C 163 37.00 -18.43 38.68
C ARG C 163 35.91 -17.39 38.54
N LEU C 164 34.80 -17.59 39.25
CA LEU C 164 33.70 -16.63 39.26
C LEU C 164 34.13 -15.28 39.85
N GLU C 165 34.77 -15.32 41.01
CA GLU C 165 35.15 -14.11 41.68
C GLU C 165 36.34 -13.44 41.01
N ALA C 166 37.10 -14.21 40.24
CA ALA C 166 38.19 -13.62 39.47
C ALA C 166 37.66 -12.98 38.21
N SER C 167 36.46 -13.37 37.79
CA SER C 167 35.81 -12.78 36.62
C SER C 167 35.15 -11.47 37.01
N GLU C 168 35.05 -10.57 36.06
CA GLU C 168 34.41 -9.28 36.28
C GLU C 168 32.93 -9.38 35.93
N THR C 169 32.54 -10.54 35.40
CA THR C 169 31.16 -10.77 35.01
C THR C 169 30.67 -11.93 35.90
N GLU C 170 29.46 -12.42 35.72
CA GLU C 170 28.96 -13.56 36.47
C GLU C 170 29.24 -14.83 35.67
N SER C 171 29.94 -14.64 34.55
CA SER C 171 30.28 -15.70 33.64
C SER C 171 31.79 -15.85 33.48
N PHE C 172 32.22 -17.03 33.05
CA PHE C 172 33.61 -17.30 32.69
C PHE C 172 33.65 -18.54 31.78
N GLY C 173 34.75 -18.73 31.06
CA GLY C 173 34.87 -19.89 30.18
C GLY C 173 35.82 -19.72 29.01
N ASN C 174 35.65 -20.53 27.97
CA ASN C 174 36.49 -20.48 26.76
C ASN C 174 35.71 -21.05 25.57
N GLU C 175 36.43 -21.39 24.50
CA GLU C 175 35.89 -22.07 23.30
C GLU C 175 34.99 -23.27 23.66
N ILE C 176 35.33 -23.94 24.76
CA ILE C 176 34.82 -25.26 25.05
C ILE C 176 33.63 -25.16 25.99
N TYR C 177 33.83 -24.50 27.14
CA TYR C 177 32.80 -24.44 28.17
C TYR C 177 32.42 -23.03 28.58
N THR C 178 31.23 -22.89 29.14
CA THR C 178 30.79 -21.63 29.73
C THR C 178 30.02 -21.89 31.04
N VAL C 179 30.37 -21.15 32.08
CA VAL C 179 29.63 -21.15 33.34
C VAL C 179 29.04 -19.77 33.57
N LYS C 180 27.76 -19.71 33.93
CA LYS C 180 27.12 -18.44 34.29
C LYS C 180 26.27 -18.54 35.55
N PHE C 181 26.70 -17.85 36.60
CA PHE C 181 25.92 -17.74 37.83
C PHE C 181 24.87 -16.64 37.67
N GLN C 182 23.77 -16.71 38.41
CA GLN C 182 22.83 -15.60 38.40
C GLN C 182 23.39 -14.44 39.21
N LYS C 183 24.17 -14.75 40.23
CA LYS C 183 24.71 -13.73 41.12
C LYS C 183 25.97 -14.22 41.81
N LYS C 184 26.91 -13.31 42.07
CA LYS C 184 28.12 -13.69 42.78
C LYS C 184 28.06 -13.09 44.17
N GLY C 185 28.82 -13.65 45.10
CA GLY C 185 28.81 -13.22 46.49
C GLY C 185 27.77 -13.94 47.32
N ASP C 186 26.75 -14.46 46.67
CA ASP C 186 25.70 -15.15 47.39
C ASP C 186 25.67 -16.64 47.05
N TYR C 187 26.07 -17.47 47.99
CA TYR C 187 26.16 -18.91 47.75
C TYR C 187 25.47 -19.75 48.82
N PRO C 188 24.13 -19.87 48.76
CA PRO C 188 23.39 -20.68 49.74
C PRO C 188 23.77 -22.14 49.58
N LEU C 189 23.68 -22.89 50.68
CA LEU C 189 24.06 -24.29 50.70
C LEU C 189 23.25 -25.07 49.67
N PHE C 190 21.98 -24.69 49.54
CA PHE C 190 21.09 -25.35 48.61
C PHE C 190 20.47 -24.33 47.68
N GLY C 191 20.21 -24.73 46.45
CA GLY C 191 19.58 -23.84 45.49
C GLY C 191 20.51 -22.80 44.87
N CYS C 192 21.83 -23.03 44.94
CA CYS C 192 22.74 -22.12 44.27
C CYS C 192 22.92 -22.56 42.83
N LYS C 193 22.27 -21.82 41.95
CA LYS C 193 22.08 -22.21 40.57
C LYS C 193 23.10 -21.55 39.67
N TYR C 194 23.67 -22.33 38.76
CA TYR C 194 24.48 -21.77 37.69
C TYR C 194 24.23 -22.58 36.43
N ASP C 195 24.35 -21.93 35.28
CA ASP C 195 24.21 -22.66 34.03
C ASP C 195 25.59 -23.12 33.60
N PHE C 196 25.65 -24.33 33.07
CA PHE C 196 26.90 -24.89 32.60
C PHE C 196 26.73 -25.35 31.16
N ASN C 197 27.60 -24.87 30.29
CA ASN C 197 27.47 -25.11 28.86
C ASN C 197 28.67 -25.89 28.33
N LEU C 198 28.44 -27.02 27.72
CA LEU C 198 29.50 -27.58 26.90
C LEU C 198 29.08 -27.48 25.44
N GLU C 199 29.76 -26.68 24.64
CA GLU C 199 29.42 -26.55 23.19
C GLU C 199 27.90 -26.55 22.78
N ASP C 203 23.10 -28.40 27.36
CA ASP C 203 23.05 -27.12 28.08
C ASP C 203 22.01 -27.15 29.20
N VAL C 204 22.44 -27.54 30.41
CA VAL C 204 21.53 -27.75 31.54
C VAL C 204 21.99 -27.10 32.87
N PRO C 205 21.06 -26.48 33.63
CA PRO C 205 21.35 -25.85 34.92
C PRO C 205 21.89 -26.82 35.98
N GLU C 206 22.84 -26.36 36.79
CA GLU C 206 23.41 -27.18 37.86
C GLU C 206 23.29 -26.46 39.21
N PHE C 207 23.64 -27.16 40.28
CA PHE C 207 23.66 -26.54 41.60
C PHE C 207 25.01 -26.75 42.25
N LEU C 208 25.45 -25.72 42.96
CA LEU C 208 26.73 -25.75 43.65
C LEU C 208 26.71 -26.84 44.71
N VAL C 209 27.79 -27.60 44.76
CA VAL C 209 27.94 -28.61 45.78
C VAL C 209 29.10 -28.24 46.66
N TYR C 210 28.83 -27.81 47.90
CA TYR C 210 29.91 -27.45 48.79
C TYR C 210 30.37 -28.76 49.41
N PHE C 211 31.58 -29.19 49.07
CA PHE C 211 31.97 -30.55 49.44
C PHE C 211 32.02 -30.78 50.96
N PRO C 212 32.52 -29.80 51.74
CA PRO C 212 32.43 -30.05 53.18
C PRO C 212 31.01 -30.32 53.67
N LEU C 213 30.02 -29.74 53.01
CA LEU C 213 28.63 -30.02 53.34
C LEU C 213 28.23 -31.45 52.94
N LEU C 214 28.62 -31.88 51.73
CA LEU C 214 28.33 -33.23 51.27
C LEU C 214 28.96 -34.24 52.23
N ASN C 215 30.16 -33.91 52.71
CA ASN C 215 30.85 -34.74 53.68
C ASN C 215 30.07 -34.96 54.97
N GLU C 216 29.52 -33.87 55.50
CA GLU C 216 28.75 -33.91 56.73
C GLU C 216 27.44 -34.64 56.53
N MET C 217 26.72 -34.32 55.46
CA MET C 217 25.45 -34.96 55.21
C MET C 217 25.58 -36.48 54.99
N ALA C 218 26.69 -36.93 54.41
CA ALA C 218 26.91 -38.36 54.20
C ALA C 218 27.03 -39.15 55.52
N LYS C 219 27.47 -38.46 56.57
CA LYS C 219 27.62 -39.09 57.89
C LYS C 219 26.30 -39.63 58.40
N LYS C 220 25.19 -39.02 58.00
CA LYS C 220 23.86 -39.45 58.45
C LYS C 220 23.60 -40.92 58.07
N TYR C 221 24.23 -41.34 56.98
CA TYR C 221 24.10 -42.70 56.47
C TYR C 221 25.29 -43.56 56.84
N ASN C 222 26.06 -43.08 57.80
CA ASN C 222 27.21 -43.79 58.37
C ASN C 222 28.33 -44.00 57.36
N MET C 223 28.63 -42.95 56.62
CA MET C 223 29.70 -42.94 55.63
C MET C 223 30.90 -42.15 56.16
N LYS C 224 32.09 -42.64 55.89
CA LYS C 224 33.32 -41.88 56.12
C LYS C 224 34.02 -41.59 54.80
N LEU C 225 34.59 -40.40 54.70
CA LEU C 225 35.34 -40.03 53.51
C LEU C 225 36.54 -40.95 53.29
N VAL C 226 36.67 -41.50 52.09
CA VAL C 226 37.87 -42.22 51.73
C VAL C 226 38.88 -41.20 51.23
N TYR C 227 38.54 -40.52 50.15
CA TYR C 227 39.30 -39.34 49.71
C TYR C 227 38.48 -38.43 48.83
N LYS C 228 38.97 -37.20 48.70
CA LYS C 228 38.46 -36.23 47.75
C LYS C 228 39.66 -35.64 47.00
N LYS C 229 39.61 -35.70 45.68
CA LYS C 229 40.72 -35.23 44.84
C LYS C 229 40.21 -34.44 43.66
N THR C 230 40.89 -33.36 43.32
CA THR C 230 40.55 -32.62 42.10
C THR C 230 40.86 -33.51 40.91
N PHE C 231 40.23 -33.23 39.78
CA PHE C 231 40.52 -34.04 38.59
C PHE C 231 42.01 -34.00 38.29
N LEU C 232 42.62 -32.86 38.56
CA LEU C 232 44.06 -32.68 38.36
C LEU C 232 44.90 -33.61 39.25
N GLU C 233 44.65 -33.56 40.56
CA GLU C 233 45.37 -34.38 41.53
C GLU C 233 45.24 -35.85 41.19
N PHE C 234 44.00 -36.24 40.90
CA PHE C 234 43.67 -37.61 40.56
C PHE C 234 44.40 -37.99 39.29
N TYR C 235 44.41 -37.10 38.31
CA TYR C 235 45.13 -37.38 37.07
C TYR C 235 46.63 -37.59 37.28
N GLU C 236 47.26 -36.71 38.05
CA GLU C 236 48.71 -36.74 38.22
C GLU C 236 49.21 -37.99 38.94
N GLU C 237 48.47 -38.46 39.93
CA GLU C 237 48.91 -39.63 40.67
C GLU C 237 48.61 -40.90 39.86
N LYS C 238 47.44 -40.93 39.21
CA LYS C 238 47.00 -42.12 38.49
C LYS C 238 47.84 -42.43 37.26
N ILE C 239 48.38 -41.39 36.63
CA ILE C 239 49.15 -41.59 35.41
C ILE C 239 50.61 -41.98 35.67
N LYS C 240 50.97 -42.13 36.94
CA LYS C 240 52.25 -42.71 37.33
C LYS C 240 52.15 -44.24 37.38
N ASN C 241 51.00 -44.75 36.95
CA ASN C 241 50.79 -46.19 36.81
C ASN C 241 50.80 -46.51 35.33
N ASN C 242 51.70 -47.40 34.92
CA ASN C 242 51.97 -47.54 33.51
C ASN C 242 50.83 -48.26 32.81
N GLU C 243 50.13 -49.12 33.55
CA GLU C 243 48.95 -49.78 33.02
C GLU C 243 47.81 -48.77 32.86
N ASN C 244 47.65 -47.87 33.83
CA ASN C 244 46.67 -46.80 33.66
C ASN C 244 47.00 -45.92 32.46
N LYS C 245 48.28 -45.72 32.20
CA LYS C 245 48.66 -44.77 31.18
C LYS C 245 48.50 -45.36 29.79
N MET C 246 48.75 -46.66 29.63
CA MET C 246 48.59 -47.22 28.29
C MET C 246 47.12 -47.54 28.05
N LEU C 247 46.35 -47.59 29.14
CA LEU C 247 44.89 -47.56 29.04
C LEU C 247 44.43 -46.25 28.44
N LEU C 248 44.93 -45.16 29.00
CA LEU C 248 44.58 -43.84 28.49
C LEU C 248 44.96 -43.72 27.02
N LYS C 249 46.11 -44.30 26.67
CA LYS C 249 46.65 -44.22 25.32
C LYS C 249 45.92 -45.13 24.34
N ARG C 250 45.39 -46.24 24.83
CA ARG C 250 44.60 -47.12 23.99
C ARG C 250 43.23 -46.53 23.72
N MET C 251 42.74 -45.75 24.68
CA MET C 251 41.46 -45.07 24.54
C MET C 251 41.65 -43.82 23.68
N GLN C 252 42.90 -43.38 23.56
CA GLN C 252 43.27 -42.14 22.86
C GLN C 252 42.71 -40.90 23.54
N LEU C 287 48.95 -26.66 35.54
CA LEU C 287 48.42 -27.44 34.43
C LEU C 287 49.50 -28.37 33.82
N PRO C 288 49.15 -29.62 33.55
CA PRO C 288 50.08 -30.56 32.91
C PRO C 288 50.30 -30.35 31.43
N LEU C 289 51.51 -30.62 30.99
CA LEU C 289 51.91 -30.44 29.61
C LEU C 289 51.06 -31.30 28.71
N GLY C 290 50.67 -32.42 29.24
CA GLY C 290 50.12 -33.45 28.45
C GLY C 290 48.66 -33.72 28.44
N THR C 291 48.43 -34.61 27.54
CA THR C 291 47.18 -35.31 27.30
C THR C 291 46.02 -34.44 26.86
N LEU C 292 45.90 -33.23 27.38
CA LEU C 292 44.77 -32.40 27.02
C LEU C 292 45.35 -31.05 26.65
N SER C 293 44.66 -30.32 25.79
CA SER C 293 45.02 -28.95 25.49
C SER C 293 44.72 -28.08 26.72
N LYS C 294 45.27 -26.87 26.76
CA LYS C 294 45.09 -26.02 27.93
C LYS C 294 43.63 -25.71 28.17
N SER C 295 42.88 -25.52 27.08
CA SER C 295 41.43 -25.28 27.14
C SER C 295 40.65 -26.49 27.66
N GLU C 296 41.02 -27.68 27.20
CA GLU C 296 40.37 -28.91 27.64
C GLU C 296 40.63 -29.08 29.13
N TRP C 297 41.85 -28.73 29.53
CA TRP C 297 42.27 -28.85 30.91
C TRP C 297 41.52 -27.89 31.80
N GLU C 298 41.24 -26.68 31.29
CA GLU C 298 40.43 -25.72 32.03
C GLU C 298 39.02 -26.24 32.26
N ALA C 299 38.47 -26.93 31.28
CA ALA C 299 37.12 -27.42 31.41
C ALA C 299 37.07 -28.55 32.41
N THR C 300 38.03 -29.45 32.32
CA THR C 300 37.96 -30.66 33.11
C THR C 300 38.42 -30.47 34.55
N SER C 301 39.30 -29.49 34.78
CA SER C 301 39.88 -29.28 36.11
C SER C 301 38.85 -28.69 37.07
N ILE C 302 37.69 -28.33 36.53
CA ILE C 302 36.56 -27.85 37.30
C ILE C 302 35.99 -28.96 38.24
N TYR C 303 36.26 -30.22 37.91
CA TYR C 303 35.65 -31.37 38.59
C TYR C 303 36.53 -31.98 39.67
N LEU C 304 35.88 -32.62 40.63
CA LEU C 304 36.59 -33.45 41.60
C LEU C 304 36.06 -34.88 41.60
N VAL C 305 36.84 -35.80 42.16
CA VAL C 305 36.39 -37.16 42.37
C VAL C 305 36.28 -37.37 43.87
N PHE C 306 35.32 -38.18 44.29
CA PHE C 306 35.18 -38.51 45.70
C PHE C 306 34.85 -39.98 45.90
N ALA C 307 35.15 -40.47 47.09
CA ALA C 307 34.72 -41.79 47.51
C ALA C 307 34.43 -41.78 49.00
N PHE C 308 33.31 -42.37 49.37
CA PHE C 308 32.97 -42.56 50.78
C PHE C 308 32.86 -44.06 51.07
N GLU C 309 33.11 -44.45 52.31
CA GLU C 309 33.02 -45.85 52.72
C GLU C 309 31.96 -46.05 53.80
N LYS C 310 31.16 -47.09 53.66
CA LYS C 310 30.16 -47.43 54.67
C LYS C 310 30.85 -48.06 55.86
N GLN C 311 30.66 -47.46 57.04
CA GLN C 311 31.28 -47.94 58.27
C GLN C 311 30.59 -49.17 58.82
N GLN C 312 31.30 -49.91 59.66
CA GLN C 312 30.84 -51.20 60.19
C GLN C 312 30.05 -51.05 61.49
N SER D 3 -31.26 45.50 -60.45
CA SER D 3 -30.82 46.62 -61.26
C SER D 3 -30.04 47.72 -60.48
N ARG D 4 -30.73 48.75 -59.99
CA ARG D 4 -30.10 49.77 -59.15
C ARG D 4 -29.33 49.17 -57.96
N ILE D 5 -30.10 48.40 -57.20
CA ILE D 5 -29.78 47.90 -55.89
C ILE D 5 -29.27 46.48 -55.86
N PHE D 6 -29.07 45.95 -57.06
CA PHE D 6 -28.47 44.64 -57.21
C PHE D 6 -27.19 44.43 -56.42
N TYR D 7 -26.25 45.37 -56.50
CA TYR D 7 -24.98 45.23 -55.80
C TYR D 7 -25.13 45.43 -54.30
N LEU D 8 -26.09 46.27 -53.93
CA LEU D 8 -26.42 46.48 -52.53
C LEU D 8 -26.96 45.19 -51.90
N ARG D 9 -27.87 44.52 -52.61
CA ARG D 9 -28.37 43.24 -52.11
C ARG D 9 -27.27 42.21 -52.06
N ASN D 10 -26.42 42.19 -53.07
CA ASN D 10 -25.33 41.23 -53.06
C ASN D 10 -24.41 41.45 -51.89
N PHE D 11 -24.13 42.71 -51.60
CA PHE D 11 -23.26 43.06 -50.48
C PHE D 11 -23.85 42.59 -49.14
N ASN D 12 -25.14 42.84 -48.94
CA ASN D 12 -25.83 42.38 -47.75
C ASN D 12 -25.75 40.86 -47.61
N ASN D 13 -25.92 40.16 -48.71
CA ASN D 13 -25.81 38.70 -48.73
C ASN D 13 -24.44 38.19 -48.39
N TRP D 14 -23.42 38.89 -48.89
CA TRP D 14 -22.04 38.56 -48.59
C TRP D 14 -21.71 38.83 -47.14
N MET D 15 -22.22 39.94 -46.61
CA MET D 15 -22.07 40.25 -45.20
C MET D 15 -22.69 39.16 -44.32
N LYS D 16 -23.90 38.73 -44.65
CA LYS D 16 -24.57 37.66 -43.91
C LYS D 16 -23.80 36.34 -44.04
N SER D 17 -23.33 36.04 -45.24
CA SER D 17 -22.57 34.82 -45.48
C SER D 17 -21.38 34.69 -44.55
N VAL D 18 -20.61 35.77 -44.46
CA VAL D 18 -19.41 35.78 -43.66
C VAL D 18 -19.73 35.80 -42.17
N LEU D 19 -20.75 36.54 -41.78
CA LEU D 19 -21.20 36.56 -40.39
C LEU D 19 -21.68 35.18 -39.93
N ILE D 20 -22.58 34.58 -40.70
CA ILE D 20 -23.07 33.23 -40.43
C ILE D 20 -21.93 32.22 -40.49
N GLY D 21 -21.08 32.34 -41.50
CA GLY D 21 -19.95 31.43 -41.66
C GLY D 21 -19.06 31.42 -40.43
N GLU D 22 -18.77 32.60 -39.90
CA GLU D 22 -17.91 32.74 -38.74
C GLU D 22 -18.47 32.03 -37.51
N PHE D 23 -19.76 32.20 -37.23
CA PHE D 23 -20.29 31.64 -36.00
C PHE D 23 -20.67 30.18 -36.13
N LEU D 24 -20.90 29.74 -37.36
CA LEU D 24 -21.11 28.33 -37.60
C LEU D 24 -19.82 27.58 -37.28
N GLU D 25 -18.69 28.20 -37.62
CA GLU D 25 -17.40 27.59 -37.34
C GLU D 25 -17.06 27.70 -35.84
N LYS D 26 -17.45 28.80 -35.20
CA LYS D 26 -17.24 28.94 -33.75
C LYS D 26 -18.01 27.86 -32.97
N VAL D 27 -19.25 27.66 -33.37
CA VAL D 27 -20.10 26.63 -32.80
C VAL D 27 -19.53 25.22 -32.98
N ARG D 28 -19.06 24.92 -34.19
CA ARG D 28 -18.49 23.62 -34.44
C ARG D 28 -17.20 23.42 -33.67
N GLN D 29 -16.45 24.50 -33.46
CA GLN D 29 -15.22 24.45 -32.72
C GLN D 29 -15.43 24.14 -31.23
N LYS D 30 -16.66 24.27 -30.74
CA LYS D 30 -17.10 23.73 -29.44
C LYS D 30 -17.88 22.43 -29.60
N LYS D 31 -19.03 22.51 -30.25
CA LYS D 31 -19.98 21.39 -30.33
C LYS D 31 -19.61 20.25 -31.26
N LYS D 32 -19.57 20.53 -32.57
CA LYS D 32 -19.25 19.52 -33.60
C LYS D 32 -20.33 18.44 -33.60
N ARG D 33 -21.49 18.85 -33.08
CA ARG D 33 -22.66 18.01 -32.86
C ARG D 33 -23.75 18.45 -33.82
N ASP D 34 -24.98 18.02 -33.56
CA ASP D 34 -26.06 18.36 -34.46
C ASP D 34 -26.39 19.83 -34.28
N ILE D 35 -26.13 20.63 -35.30
CA ILE D 35 -26.34 22.08 -35.18
C ILE D 35 -27.79 22.43 -35.48
N THR D 36 -28.40 23.10 -34.53
CA THR D 36 -29.78 23.56 -34.65
C THR D 36 -29.86 25.09 -34.66
N VAL D 37 -30.56 25.64 -35.63
CA VAL D 37 -30.56 27.09 -35.85
C VAL D 37 -31.98 27.64 -35.90
N LEU D 38 -32.21 28.76 -35.23
CA LEU D 38 -33.47 29.48 -35.37
C LEU D 38 -33.24 30.71 -36.27
N ASP D 39 -33.88 30.73 -37.43
CA ASP D 39 -33.75 31.88 -38.32
C ASP D 39 -35.01 32.71 -38.17
N LEU D 40 -34.85 33.79 -37.42
CA LEU D 40 -35.95 34.60 -36.92
C LEU D 40 -36.19 35.81 -37.82
N GLY D 41 -37.36 35.85 -38.45
CA GLY D 41 -37.65 36.80 -39.50
C GLY D 41 -36.99 36.33 -40.78
N CYS D 42 -37.25 35.06 -41.09
CA CYS D 42 -36.55 34.35 -42.16
C CYS D 42 -36.88 34.92 -43.53
N GLY D 43 -37.93 35.72 -43.62
CA GLY D 43 -38.38 36.25 -44.89
C GLY D 43 -38.72 35.12 -45.86
N LYS D 44 -38.33 35.30 -47.11
CA LYS D 44 -38.65 34.34 -48.17
C LYS D 44 -37.58 33.27 -48.33
N GLY D 45 -36.61 33.21 -47.40
CA GLY D 45 -35.60 32.17 -47.39
C GLY D 45 -34.26 32.47 -48.02
N GLY D 46 -33.90 33.75 -48.03
CA GLY D 46 -32.65 34.18 -48.63
C GLY D 46 -31.41 33.61 -47.98
N ASP D 47 -31.53 33.11 -46.76
CA ASP D 47 -30.40 32.50 -46.05
C ASP D 47 -30.41 30.95 -46.05
N LEU D 48 -31.41 30.35 -46.69
CA LEU D 48 -31.50 28.88 -46.75
C LEU D 48 -30.21 28.24 -47.29
N LEU D 49 -29.68 28.78 -48.39
CA LEU D 49 -28.48 28.18 -48.97
C LEU D 49 -27.27 28.33 -48.08
N LYS D 50 -27.23 29.41 -47.31
CA LYS D 50 -26.16 29.62 -46.33
C LYS D 50 -26.19 28.55 -45.24
N TRP D 51 -27.39 28.17 -44.80
CA TRP D 51 -27.50 27.10 -43.79
C TRP D 51 -27.18 25.74 -44.40
N LYS D 52 -27.49 25.53 -45.67
CA LYS D 52 -27.18 24.26 -46.32
C LYS D 52 -25.68 24.11 -46.48
N LYS D 53 -25.00 25.21 -46.79
CA LYS D 53 -23.57 25.13 -47.00
C LYS D 53 -22.86 25.01 -45.66
N GLY D 54 -23.55 25.36 -44.59
CA GLY D 54 -23.03 25.11 -43.27
C GLY D 54 -23.32 23.71 -42.82
N ARG D 55 -24.11 22.98 -43.58
CA ARG D 55 -24.36 21.57 -43.30
C ARG D 55 -24.91 21.37 -41.89
N ILE D 56 -25.84 22.24 -41.48
CA ILE D 56 -26.43 22.10 -40.16
C ILE D 56 -27.43 20.95 -40.11
N ASN D 57 -27.86 20.60 -38.90
CA ASN D 57 -28.78 19.48 -38.74
C ASN D 57 -30.26 19.85 -38.81
N LYS D 58 -30.63 20.97 -38.19
CA LYS D 58 -32.02 21.38 -38.14
C LYS D 58 -32.16 22.90 -38.21
N LEU D 59 -33.14 23.35 -38.97
CA LEU D 59 -33.42 24.77 -39.10
C LEU D 59 -34.89 25.08 -38.76
N VAL D 60 -35.14 26.10 -37.95
CA VAL D 60 -36.50 26.59 -37.77
C VAL D 60 -36.60 27.97 -38.42
N CYS D 61 -37.43 28.07 -39.45
CA CYS D 61 -37.64 29.33 -40.13
C CYS D 61 -38.93 29.94 -39.66
N THR D 62 -38.87 31.16 -39.13
CA THR D 62 -40.09 31.78 -38.65
C THR D 62 -40.14 33.24 -39.05
N ASP D 63 -41.35 33.71 -39.32
CA ASP D 63 -41.55 35.07 -39.76
C ASP D 63 -42.99 35.46 -39.46
N ILE D 64 -43.25 36.77 -39.39
CA ILE D 64 -44.61 37.25 -39.14
C ILE D 64 -45.44 37.18 -40.43
N ALA D 65 -44.78 37.20 -41.57
CA ALA D 65 -45.50 37.20 -42.83
C ALA D 65 -45.71 35.79 -43.37
N ASP D 66 -46.95 35.33 -43.36
CA ASP D 66 -47.29 33.96 -43.72
C ASP D 66 -46.92 33.60 -45.16
N VAL D 67 -47.08 34.56 -46.07
CA VAL D 67 -46.78 34.34 -47.48
C VAL D 67 -45.28 34.14 -47.69
N SER D 68 -44.49 34.90 -46.94
CA SER D 68 -43.05 34.76 -46.99
C SER D 68 -42.64 33.40 -46.44
N VAL D 69 -43.22 33.03 -45.30
CA VAL D 69 -42.96 31.73 -44.72
C VAL D 69 -43.25 30.59 -45.70
N LYS D 70 -44.41 30.62 -46.35
CA LYS D 70 -44.76 29.56 -47.30
C LYS D 70 -43.84 29.54 -48.49
N GLN D 71 -43.43 30.72 -48.92
CA GLN D 71 -42.48 30.85 -49.99
C GLN D 71 -41.11 30.30 -49.57
N CYS D 72 -40.73 30.58 -48.33
CA CYS D 72 -39.51 30.04 -47.76
C CYS D 72 -39.55 28.51 -47.76
N GLN D 73 -40.69 27.99 -47.34
CA GLN D 73 -40.92 26.56 -47.31
C GLN D 73 -40.80 25.95 -48.70
N GLN D 74 -41.39 26.59 -49.70
CA GLN D 74 -41.33 26.07 -51.07
C GLN D 74 -39.88 26.04 -51.58
N ARG D 75 -39.10 27.07 -51.28
CA ARG D 75 -37.69 27.12 -51.67
C ARG D 75 -36.92 25.99 -51.04
N TYR D 76 -37.25 25.69 -49.78
CA TYR D 76 -36.60 24.60 -49.09
C TYR D 76 -36.95 23.29 -49.78
N GLU D 77 -38.21 23.15 -50.14
CA GLU D 77 -38.67 21.96 -50.85
C GLU D 77 -37.95 21.83 -52.17
N ASP D 78 -37.78 22.95 -52.89
CA ASP D 78 -37.11 22.92 -54.18
C ASP D 78 -35.64 22.52 -54.03
N MET D 79 -35.01 22.98 -52.96
CA MET D 79 -33.64 22.59 -52.68
C MET D 79 -33.56 21.10 -52.41
N LYS D 80 -34.51 20.58 -51.65
CA LYS D 80 -34.39 19.18 -51.28
C LYS D 80 -34.88 18.28 -52.40
N ASN D 81 -35.64 18.85 -53.33
CA ASN D 81 -36.14 18.08 -54.46
C ASN D 81 -35.17 18.12 -55.64
N ARG D 82 -33.97 18.63 -55.40
CA ARG D 82 -32.96 18.64 -56.46
C ARG D 82 -32.15 17.38 -56.56
N ARG D 83 -31.71 17.10 -57.78
CA ARG D 83 -31.02 15.86 -58.05
C ARG D 83 -29.63 15.85 -57.43
N ASP D 84 -29.20 14.67 -56.99
CA ASP D 84 -27.91 14.50 -56.32
C ASP D 84 -27.69 15.53 -55.21
N SER D 85 -28.76 15.94 -54.56
CA SER D 85 -28.64 16.82 -53.41
C SER D 85 -28.17 16.07 -52.18
N GLU D 86 -27.03 16.51 -51.65
CA GLU D 86 -26.41 15.90 -50.48
C GLU D 86 -27.27 16.21 -49.27
N TYR D 87 -26.81 15.82 -48.08
CA TYR D 87 -27.65 15.99 -46.89
C TYR D 87 -28.14 17.43 -46.76
N ILE D 88 -29.46 17.58 -46.73
CA ILE D 88 -30.04 18.88 -46.44
C ILE D 88 -30.61 18.76 -45.02
N PHE D 89 -30.52 19.84 -44.26
CA PHE D 89 -31.08 19.88 -42.92
C PHE D 89 -32.58 19.59 -42.93
N SER D 90 -33.08 19.04 -41.85
CA SER D 90 -34.52 19.01 -41.65
C SER D 90 -34.97 20.43 -41.24
N ALA D 91 -36.19 20.79 -41.59
CA ALA D 91 -36.66 22.14 -41.38
C ALA D 91 -38.07 22.20 -40.86
N GLU D 92 -38.37 23.29 -40.19
CA GLU D 92 -39.65 23.51 -39.59
C GLU D 92 -40.05 24.96 -39.88
N PHE D 93 -41.30 25.18 -40.25
CA PHE D 93 -41.73 26.51 -40.70
C PHE D 93 -42.87 27.03 -39.84
N ILE D 94 -42.66 28.21 -39.28
CA ILE D 94 -43.60 28.75 -38.30
C ILE D 94 -43.98 30.22 -38.59
N THR D 95 -45.24 30.46 -38.86
CA THR D 95 -45.71 31.85 -38.92
C THR D 95 -46.07 32.36 -37.51
N ALA D 96 -45.45 33.46 -37.11
CA ALA D 96 -45.70 34.06 -35.81
C ALA D 96 -45.17 35.48 -35.75
N ASP D 97 -45.77 36.26 -34.86
CA ASP D 97 -45.24 37.56 -34.51
C ASP D 97 -44.30 37.29 -33.37
N SER D 98 -43.00 37.40 -33.63
CA SER D 98 -42.02 37.04 -32.62
C SER D 98 -41.86 38.16 -31.60
N SER D 99 -42.55 39.26 -31.80
CA SER D 99 -42.56 40.27 -30.77
C SER D 99 -43.78 40.18 -29.88
N LYS D 100 -44.82 39.47 -30.32
CA LYS D 100 -45.97 39.25 -29.45
C LYS D 100 -46.26 37.80 -29.05
N GLU D 101 -45.59 36.83 -29.68
CA GLU D 101 -45.91 35.42 -29.46
C GLU D 101 -44.67 34.63 -29.05
N LEU D 102 -44.84 33.65 -28.18
CA LEU D 102 -43.75 32.81 -27.72
C LEU D 102 -43.50 31.62 -28.65
N LEU D 103 -42.33 31.57 -29.27
CA LEU D 103 -42.05 30.53 -30.28
C LEU D 103 -42.06 29.11 -29.68
N ILE D 104 -41.66 28.98 -28.40
CA ILE D 104 -41.66 27.67 -27.76
C ILE D 104 -43.05 27.02 -27.70
N ASP D 105 -44.12 27.82 -27.80
CA ASP D 105 -45.47 27.28 -27.88
C ASP D 105 -45.82 26.81 -29.29
N LYS D 106 -45.02 27.18 -30.27
CA LYS D 106 -45.28 26.68 -31.60
C LYS D 106 -44.29 25.60 -32.09
N PHE D 107 -43.18 25.40 -31.37
CA PHE D 107 -42.21 24.40 -31.78
C PHE D 107 -42.83 23.02 -31.78
N ARG D 108 -42.45 22.21 -32.76
CA ARG D 108 -42.87 20.80 -32.77
C ARG D 108 -42.47 20.10 -31.48
N ASP D 109 -41.23 20.29 -31.07
CA ASP D 109 -40.74 19.80 -29.78
C ASP D 109 -40.65 20.98 -28.83
N PRO D 110 -41.52 21.01 -27.83
CA PRO D 110 -41.53 22.17 -26.92
C PRO D 110 -40.26 22.33 -26.09
N GLN D 111 -39.42 21.30 -25.99
CA GLN D 111 -38.13 21.36 -25.25
C GLN D 111 -36.95 21.81 -26.12
N MET D 112 -37.26 22.14 -27.37
CA MET D 112 -36.28 22.50 -28.39
C MET D 112 -35.30 23.57 -27.93
N CYS D 113 -34.03 23.35 -28.19
CA CYS D 113 -32.99 24.34 -27.94
C CYS D 113 -32.21 24.64 -29.23
N PHE D 114 -31.52 25.78 -29.26
CA PHE D 114 -30.74 26.20 -30.43
C PHE D 114 -29.29 26.50 -30.13
N ASP D 115 -28.46 26.23 -31.13
CA ASP D 115 -27.07 26.63 -31.11
C ASP D 115 -26.82 28.05 -31.64
N ILE D 116 -27.64 28.48 -32.58
CA ILE D 116 -27.53 29.83 -33.13
C ILE D 116 -28.94 30.36 -33.39
N CYS D 117 -29.20 31.59 -32.97
CA CYS D 117 -30.34 32.32 -33.50
C CYS D 117 -29.83 33.42 -34.41
N SER D 118 -30.25 33.37 -35.67
CA SER D 118 -29.83 34.34 -36.67
C SER D 118 -30.99 35.30 -36.93
N CYS D 119 -30.79 36.58 -36.64
CA CYS D 119 -31.81 37.58 -36.86
C CYS D 119 -31.29 38.67 -37.79
N GLN D 120 -31.62 38.57 -39.08
CA GLN D 120 -31.03 39.48 -40.06
C GLN D 120 -32.05 40.52 -40.55
N PHE D 121 -31.79 41.78 -40.22
CA PHE D 121 -32.62 42.92 -40.64
C PHE D 121 -34.04 42.84 -40.09
N VAL D 122 -34.16 42.42 -38.83
CA VAL D 122 -35.45 42.12 -38.18
C VAL D 122 -35.66 42.88 -36.85
N CYS D 123 -34.67 42.82 -35.98
CA CYS D 123 -34.78 43.29 -34.58
C CYS D 123 -35.47 44.64 -34.39
N HIS D 124 -35.20 45.58 -35.27
CA HIS D 124 -35.73 46.94 -35.12
C HIS D 124 -37.24 47.02 -35.21
N TYR D 125 -37.86 46.04 -35.87
CA TYR D 125 -39.33 46.01 -35.88
C TYR D 125 -39.89 45.75 -34.47
N SER D 126 -39.10 45.17 -33.58
CA SER D 126 -39.56 44.82 -32.24
C SER D 126 -39.50 45.98 -31.25
N PHE D 127 -38.85 47.07 -31.62
CA PHE D 127 -38.63 48.15 -30.65
C PHE D 127 -39.78 49.17 -30.63
N GLU D 128 -40.89 48.78 -31.23
CA GLU D 128 -42.15 49.49 -31.09
C GLU D 128 -42.56 49.67 -29.62
N SER D 129 -42.27 48.70 -28.77
CA SER D 129 -42.55 48.80 -27.34
C SER D 129 -41.61 47.95 -26.52
N TYR D 130 -41.55 48.18 -25.20
CA TYR D 130 -40.69 47.41 -24.31
C TYR D 130 -41.03 45.92 -24.35
N GLU D 131 -42.33 45.63 -24.31
CA GLU D 131 -42.80 44.25 -24.28
C GLU D 131 -42.40 43.51 -25.55
N GLN D 132 -42.55 44.16 -26.70
CA GLN D 132 -42.18 43.59 -27.99
C GLN D 132 -40.68 43.33 -28.14
N ALA D 133 -39.87 44.30 -27.72
CA ALA D 133 -38.42 44.15 -27.79
C ALA D 133 -37.96 43.02 -26.89
N ASP D 134 -38.45 43.01 -25.66
CA ASP D 134 -38.13 41.97 -24.70
C ASP D 134 -38.57 40.59 -25.21
N MET D 135 -39.76 40.53 -25.79
CA MET D 135 -40.33 39.28 -26.29
C MET D 135 -39.52 38.72 -27.46
N MET D 136 -39.07 39.58 -28.37
CA MET D 136 -38.25 39.12 -29.49
C MET D 136 -36.90 38.63 -28.98
N LEU D 137 -36.36 39.32 -27.98
CA LEU D 137 -35.11 38.91 -27.36
C LEU D 137 -35.25 37.56 -26.68
N ARG D 138 -36.40 37.38 -26.00
CA ARG D 138 -36.69 36.13 -25.33
C ARG D 138 -36.74 35.01 -26.37
N ASN D 139 -37.50 35.25 -27.43
CA ASN D 139 -37.63 34.28 -28.50
C ASN D 139 -36.29 33.96 -29.14
N ALA D 140 -35.41 34.94 -29.22
CA ALA D 140 -34.10 34.70 -29.82
C ALA D 140 -33.16 34.05 -28.82
N CYS D 141 -33.22 34.48 -27.55
CA CYS D 141 -32.18 34.06 -26.62
C CYS D 141 -32.46 33.01 -25.57
N GLU D 142 -33.67 32.90 -25.09
CA GLU D 142 -34.02 32.03 -24.01
C GLU D 142 -33.64 30.55 -24.21
N ARG D 143 -33.91 30.01 -25.37
CA ARG D 143 -33.61 28.64 -25.68
C ARG D 143 -32.26 28.36 -26.31
N LEU D 144 -31.41 29.35 -26.35
CA LEU D 144 -30.04 29.15 -26.79
C LEU D 144 -29.31 28.26 -25.78
N SER D 145 -28.69 27.20 -26.26
CA SER D 145 -27.82 26.38 -25.42
C SER D 145 -26.63 27.20 -24.93
N PRO D 146 -26.06 26.81 -23.78
CA PRO D 146 -24.87 27.52 -23.29
C PRO D 146 -23.75 27.52 -24.33
N GLY D 147 -23.18 28.69 -24.61
CA GLY D 147 -22.17 28.82 -25.63
C GLY D 147 -22.74 29.18 -26.99
N GLY D 148 -24.06 29.13 -27.10
CA GLY D 148 -24.73 29.49 -28.35
C GLY D 148 -24.75 30.98 -28.63
N TYR D 149 -25.14 31.34 -29.84
CA TYR D 149 -25.01 32.72 -30.26
C TYR D 149 -26.28 33.31 -30.83
N PHE D 150 -26.48 34.58 -30.51
CA PHE D 150 -27.54 35.40 -31.06
C PHE D 150 -26.85 36.42 -31.94
N ILE D 151 -27.01 36.26 -33.26
CA ILE D 151 -26.34 37.14 -34.22
C ILE D 151 -27.35 37.86 -35.09
N GLY D 152 -26.99 39.05 -35.56
CA GLY D 152 -27.87 39.81 -36.41
C GLY D 152 -27.33 41.11 -36.98
N THR D 153 -28.22 41.79 -37.67
CA THR D 153 -27.95 43.04 -38.35
C THR D 153 -29.12 43.97 -38.15
N THR D 154 -28.83 45.20 -37.75
CA THR D 154 -29.88 46.15 -37.52
C THR D 154 -29.28 47.54 -37.77
N PRO D 155 -30.12 48.54 -38.10
CA PRO D 155 -29.57 49.89 -38.28
C PRO D 155 -28.83 50.41 -37.04
N ASN D 156 -27.74 51.14 -37.28
CA ASN D 156 -26.97 51.75 -36.21
C ASN D 156 -27.57 53.11 -35.85
N SER D 157 -28.11 53.21 -34.64
CA SER D 157 -28.83 54.42 -34.23
C SER D 157 -27.93 55.66 -34.19
N PHE D 158 -26.68 55.48 -33.80
CA PHE D 158 -25.74 56.60 -33.80
C PHE D 158 -25.59 57.22 -35.18
N GLU D 159 -25.48 56.38 -36.20
CA GLU D 159 -25.38 56.86 -37.57
C GLU D 159 -26.66 57.55 -38.05
N LEU D 160 -27.80 56.96 -37.70
CA LEU D 160 -29.10 57.53 -38.06
C LEU D 160 -29.32 58.92 -37.46
N ILE D 161 -28.97 59.08 -36.19
CA ILE D 161 -29.17 60.36 -35.52
C ILE D 161 -28.20 61.39 -36.07
N ARG D 162 -26.98 60.95 -36.31
CA ARG D 162 -25.92 61.81 -36.81
C ARG D 162 -26.32 62.48 -38.13
N ARG D 163 -26.93 61.71 -39.03
CA ARG D 163 -27.34 62.22 -40.34
C ARG D 163 -28.59 63.06 -40.22
N LEU D 164 -29.45 62.68 -39.27
CA LEU D 164 -30.67 63.42 -38.99
C LEU D 164 -30.34 64.83 -38.52
N GLU D 165 -29.41 64.94 -37.57
CA GLU D 165 -29.07 66.21 -36.99
C GLU D 165 -28.24 67.07 -37.93
N ALA D 166 -27.59 66.43 -38.90
CA ALA D 166 -26.86 67.17 -39.92
C ALA D 166 -27.80 67.67 -41.01
N SER D 167 -28.97 67.07 -41.11
CA SER D 167 -29.92 67.49 -42.14
C SER D 167 -30.66 68.75 -41.70
N GLU D 168 -31.11 69.52 -42.69
CA GLU D 168 -31.83 70.75 -42.41
C GLU D 168 -33.31 70.44 -42.23
N THR D 169 -33.67 69.19 -42.52
CA THR D 169 -35.04 68.71 -42.38
C THR D 169 -35.06 67.51 -41.44
N GLU D 170 -36.20 66.83 -41.40
CA GLU D 170 -36.33 65.61 -40.61
C GLU D 170 -35.99 64.40 -41.48
N SER D 171 -35.57 64.66 -42.71
CA SER D 171 -35.26 63.61 -43.69
C SER D 171 -33.83 63.63 -44.17
N PHE D 172 -33.38 62.50 -44.69
CA PHE D 172 -32.08 62.40 -45.34
C PHE D 172 -32.04 61.19 -46.26
N GLY D 173 -31.07 61.18 -47.18
CA GLY D 173 -30.93 60.08 -48.12
C GLY D 173 -30.20 60.44 -49.39
N ASN D 174 -30.44 59.65 -50.43
CA ASN D 174 -29.86 59.86 -51.74
C ASN D 174 -30.72 59.21 -52.82
N GLU D 175 -30.15 59.03 -54.01
CA GLU D 175 -30.79 58.33 -55.12
C GLU D 175 -31.44 57.02 -54.67
N ILE D 176 -30.83 56.40 -53.66
CA ILE D 176 -31.09 55.01 -53.30
C ILE D 176 -32.09 54.91 -52.15
N TYR D 177 -31.79 55.57 -51.05
CA TYR D 177 -32.60 55.44 -49.86
C TYR D 177 -33.10 56.77 -49.33
N THR D 178 -34.17 56.72 -48.54
CA THR D 178 -34.66 57.88 -47.82
C THR D 178 -35.10 57.49 -46.41
N VAL D 179 -34.63 58.24 -45.42
CA VAL D 179 -35.08 58.06 -44.04
C VAL D 179 -35.79 59.31 -43.53
N LYS D 180 -36.97 59.17 -42.93
CA LYS D 180 -37.61 60.34 -42.34
C LYS D 180 -38.18 60.05 -40.96
N PHE D 181 -37.66 60.76 -39.96
CA PHE D 181 -38.14 60.72 -38.58
C PHE D 181 -39.41 61.56 -38.38
N GLN D 182 -40.19 61.29 -37.32
CA GLN D 182 -41.33 62.17 -37.05
C GLN D 182 -40.85 63.51 -36.54
N LYS D 183 -39.82 63.47 -35.71
CA LYS D 183 -39.29 64.64 -35.05
C LYS D 183 -37.87 64.34 -34.61
N LYS D 184 -37.03 65.37 -34.57
CA LYS D 184 -35.66 65.18 -34.12
C LYS D 184 -35.52 65.75 -32.72
N GLY D 185 -34.55 65.25 -31.99
CA GLY D 185 -34.35 65.61 -30.60
C GLY D 185 -35.12 64.70 -29.65
N ASP D 186 -36.18 64.06 -30.14
CA ASP D 186 -36.97 63.19 -29.27
C ASP D 186 -36.78 61.73 -29.67
N TYR D 187 -36.04 61.00 -28.84
CA TYR D 187 -35.71 59.63 -29.15
C TYR D 187 -36.03 58.71 -27.98
N PRO D 188 -37.32 58.41 -27.79
CA PRO D 188 -37.67 57.52 -26.68
C PRO D 188 -37.11 56.12 -26.94
N LEU D 189 -36.80 55.39 -25.88
CA LEU D 189 -36.19 54.07 -26.00
C LEU D 189 -37.04 53.15 -26.86
N PHE D 190 -38.34 53.27 -26.74
CA PHE D 190 -39.26 52.45 -27.50
C PHE D 190 -40.25 53.34 -28.23
N GLY D 191 -40.66 52.92 -29.41
CA GLY D 191 -41.64 53.68 -30.16
C GLY D 191 -41.06 54.89 -30.89
N CYS D 192 -39.74 54.93 -31.07
CA CYS D 192 -39.18 56.01 -31.86
C CYS D 192 -39.20 55.59 -33.31
N LYS D 193 -40.14 56.16 -34.04
CA LYS D 193 -40.53 55.67 -35.34
C LYS D 193 -39.88 56.47 -36.46
N TYR D 194 -39.37 55.79 -37.47
CA TYR D 194 -38.94 56.50 -38.65
C TYR D 194 -39.29 55.70 -39.88
N ASP D 195 -39.49 56.41 -40.99
CA ASP D 195 -39.79 55.79 -42.25
C ASP D 195 -38.49 55.48 -42.95
N PHE D 196 -38.43 54.32 -43.58
CA PHE D 196 -37.24 53.92 -44.32
C PHE D 196 -37.62 53.48 -45.71
N ASN D 197 -37.04 54.15 -46.70
CA ASN D 197 -37.37 53.89 -48.09
C ASN D 197 -36.11 53.42 -48.79
N LEU D 198 -36.06 52.16 -49.18
CA LEU D 198 -34.95 51.70 -50.01
C LEU D 198 -35.53 51.06 -51.27
N GLU D 199 -35.22 51.60 -52.45
CA GLU D 199 -35.74 51.06 -53.72
C GLU D 199 -35.67 49.54 -53.83
N ASP D 203 -41.43 50.42 -48.63
CA ASP D 203 -41.63 51.42 -47.59
C ASP D 203 -42.17 50.85 -46.29
N VAL D 204 -41.29 50.44 -45.39
CA VAL D 204 -41.72 49.84 -44.13
C VAL D 204 -41.13 50.62 -42.95
N PRO D 205 -41.99 51.16 -42.06
CA PRO D 205 -41.58 51.90 -40.87
C PRO D 205 -40.74 51.05 -39.93
N GLU D 206 -39.73 51.66 -39.32
CA GLU D 206 -38.84 50.97 -38.42
C GLU D 206 -38.79 51.71 -37.09
N PHE D 207 -38.20 51.08 -36.09
CA PHE D 207 -38.03 51.73 -34.81
C PHE D 207 -36.57 51.75 -34.44
N LEU D 208 -36.17 52.84 -33.81
CA LEU D 208 -34.81 53.03 -33.40
C LEU D 208 -34.41 51.97 -32.38
N VAL D 209 -33.23 51.42 -32.58
CA VAL D 209 -32.64 50.48 -31.65
C VAL D 209 -31.41 51.10 -31.03
N TYR D 210 -31.52 51.53 -29.79
CA TYR D 210 -30.37 52.11 -29.13
C TYR D 210 -29.57 50.93 -28.64
N PHE D 211 -28.39 50.74 -29.20
CA PHE D 211 -27.68 49.50 -28.96
C PHE D 211 -27.28 49.28 -27.49
N PRO D 212 -26.84 50.33 -26.79
CA PRO D 212 -26.55 50.05 -25.36
C PRO D 212 -27.77 49.52 -24.59
N LEU D 213 -28.97 49.90 -25.01
CA LEU D 213 -30.19 49.38 -24.42
C LEU D 213 -30.39 47.92 -24.81
N LEU D 214 -30.16 47.60 -26.09
CA LEU D 214 -30.29 46.23 -26.59
C LEU D 214 -29.37 45.33 -25.80
N ASN D 215 -28.15 45.84 -25.59
CA ASN D 215 -27.15 45.14 -24.83
C ASN D 215 -27.60 44.83 -23.41
N GLU D 216 -28.18 45.84 -22.76
CA GLU D 216 -28.63 45.69 -21.39
C GLU D 216 -29.80 44.72 -21.30
N MET D 217 -30.78 44.89 -22.19
CA MET D 217 -31.94 44.01 -22.21
C MET D 217 -31.60 42.54 -22.46
N ALA D 218 -30.55 42.29 -23.25
CA ALA D 218 -30.12 40.93 -23.56
C ALA D 218 -29.58 40.21 -22.34
N LYS D 219 -29.11 40.98 -21.36
CA LYS D 219 -28.60 40.44 -20.10
C LYS D 219 -29.64 39.64 -19.33
N LYS D 220 -30.91 39.98 -19.53
CA LYS D 220 -32.00 39.28 -18.86
C LYS D 220 -32.02 37.80 -19.21
N TYR D 221 -31.55 37.48 -20.42
CA TYR D 221 -31.52 36.10 -20.92
C TYR D 221 -30.12 35.51 -20.83
N ASN D 222 -29.28 36.16 -20.04
CA ASN D 222 -27.92 35.69 -19.75
C ASN D 222 -27.02 35.69 -20.97
N MET D 223 -27.12 36.76 -21.76
CA MET D 223 -26.30 36.92 -22.95
C MET D 223 -25.21 37.93 -22.66
N LYS D 224 -24.02 37.67 -23.18
CA LYS D 224 -22.93 38.64 -23.14
C LYS D 224 -22.56 39.09 -24.55
N LEU D 225 -22.26 40.37 -24.72
CA LEU D 225 -21.86 40.87 -26.02
C LEU D 225 -20.54 40.25 -26.47
N VAL D 226 -20.55 39.67 -27.66
CA VAL D 226 -19.34 39.16 -28.29
C VAL D 226 -18.68 40.33 -29.01
N TYR D 227 -19.39 40.90 -29.97
CA TYR D 227 -18.99 42.19 -30.53
C TYR D 227 -20.13 42.94 -31.19
N LYS D 228 -19.88 44.23 -31.37
CA LYS D 228 -20.74 45.11 -32.12
C LYS D 228 -19.87 45.88 -33.12
N LYS D 229 -20.20 45.80 -34.41
CA LYS D 229 -19.39 46.42 -35.44
C LYS D 229 -20.25 47.07 -36.50
N THR D 230 -19.85 48.26 -36.94
CA THR D 230 -20.55 48.88 -38.06
C THR D 230 -20.32 48.04 -39.30
N PHE D 231 -21.18 48.19 -40.29
CA PHE D 231 -20.98 47.46 -41.53
C PHE D 231 -19.62 47.79 -42.17
N LEU D 232 -19.19 49.05 -42.03
CA LEU D 232 -17.91 49.46 -42.61
C LEU D 232 -16.78 48.73 -41.93
N GLU D 233 -16.75 48.78 -40.60
CA GLU D 233 -15.73 48.09 -39.81
C GLU D 233 -15.70 46.61 -40.12
N PHE D 234 -16.88 46.01 -40.20
CA PHE D 234 -16.99 44.59 -40.47
C PHE D 234 -16.40 44.29 -41.83
N TYR D 235 -16.74 45.12 -42.80
CA TYR D 235 -16.23 44.95 -44.15
C TYR D 235 -14.72 45.05 -44.19
N GLU D 236 -14.16 46.04 -43.51
CA GLU D 236 -12.71 46.28 -43.58
C GLU D 236 -11.95 45.11 -42.99
N GLU D 237 -12.53 44.52 -41.95
CA GLU D 237 -11.88 43.41 -41.29
C GLU D 237 -12.02 42.16 -42.16
N LYS D 238 -13.21 42.00 -42.74
CA LYS D 238 -13.54 40.78 -43.46
C LYS D 238 -12.84 40.65 -44.83
N ILE D 239 -12.56 41.75 -45.53
CA ILE D 239 -11.90 41.61 -46.85
C ILE D 239 -10.39 41.48 -46.79
N LYS D 240 -9.83 41.47 -45.58
CA LYS D 240 -8.41 41.16 -45.41
C LYS D 240 -8.27 39.65 -45.36
N ASN D 241 -9.38 38.97 -45.60
CA ASN D 241 -9.44 37.53 -45.76
C ASN D 241 -9.66 37.21 -47.22
N ASN D 242 -8.77 36.40 -47.77
CA ASN D 242 -8.69 36.21 -49.21
C ASN D 242 -9.81 35.35 -49.78
N GLU D 243 -10.27 34.39 -49.00
CA GLU D 243 -11.41 33.59 -49.42
C GLU D 243 -12.69 34.42 -49.32
N ASN D 244 -12.80 35.22 -48.25
CA ASN D 244 -13.97 36.07 -48.10
C ASN D 244 -14.04 37.05 -49.22
N LYS D 245 -12.87 37.45 -49.69
CA LYS D 245 -12.79 38.50 -50.70
C LYS D 245 -13.12 37.95 -52.06
N MET D 246 -12.68 36.73 -52.35
CA MET D 246 -12.98 36.15 -53.66
C MET D 246 -14.36 35.52 -53.66
N LEU D 247 -14.92 35.27 -52.48
CA LEU D 247 -16.35 34.98 -52.39
C LEU D 247 -17.15 36.18 -52.85
N LEU D 248 -16.80 37.35 -52.33
CA LEU D 248 -17.47 38.58 -52.73
C LEU D 248 -17.33 38.85 -54.24
N LYS D 249 -16.17 38.57 -54.83
CA LYS D 249 -16.05 38.82 -56.27
C LYS D 249 -16.72 37.73 -57.12
N ARG D 250 -16.82 36.51 -56.59
CA ARG D 250 -17.58 35.48 -57.30
C ARG D 250 -19.06 35.78 -57.17
N MET D 251 -19.44 36.42 -56.08
CA MET D 251 -20.82 36.84 -55.88
C MET D 251 -21.07 38.11 -56.64
N GLN D 252 -19.98 38.71 -57.13
CA GLN D 252 -19.83 39.98 -57.88
C GLN D 252 -20.23 41.19 -57.05
N ARG D 286 -15.17 59.41 -45.01
CA ARG D 286 -14.14 58.42 -45.30
C ARG D 286 -14.73 57.07 -45.72
N LEU D 287 -15.49 57.08 -46.81
CA LEU D 287 -16.09 55.86 -47.35
C LEU D 287 -15.08 55.16 -48.24
N PRO D 288 -15.16 53.82 -48.34
CA PRO D 288 -14.15 53.12 -49.15
C PRO D 288 -14.36 53.23 -50.64
N LEU D 289 -13.28 53.03 -51.38
CA LEU D 289 -13.32 53.09 -52.85
C LEU D 289 -13.89 51.77 -53.35
N GLY D 290 -13.41 50.70 -52.72
CA GLY D 290 -13.75 49.34 -53.10
C GLY D 290 -15.21 48.95 -53.02
N THR D 291 -15.60 48.15 -53.99
CA THR D 291 -16.78 47.28 -53.96
C THR D 291 -18.12 47.96 -54.11
N LEU D 292 -18.27 49.19 -53.66
CA LEU D 292 -19.57 49.85 -53.76
C LEU D 292 -19.44 51.28 -54.23
N SER D 293 -20.48 51.79 -54.88
CA SER D 293 -20.52 53.21 -55.20
C SER D 293 -20.66 54.00 -53.92
N LYS D 294 -20.38 55.30 -53.99
CA LYS D 294 -20.44 56.12 -52.80
C LYS D 294 -21.89 56.20 -52.31
N SER D 295 -22.86 56.22 -53.24
CA SER D 295 -24.26 56.20 -52.85
C SER D 295 -24.66 54.90 -52.17
N GLU D 296 -24.21 53.79 -52.74
CA GLU D 296 -24.47 52.47 -52.19
C GLU D 296 -23.81 52.33 -50.83
N TRP D 297 -22.62 52.92 -50.68
CA TRP D 297 -21.92 52.85 -49.40
C TRP D 297 -22.64 53.62 -48.31
N GLU D 298 -23.21 54.77 -48.67
CA GLU D 298 -23.98 55.55 -47.73
C GLU D 298 -25.21 54.79 -47.25
N ALA D 299 -25.83 54.02 -48.13
CA ALA D 299 -27.03 53.30 -47.76
C ALA D 299 -26.68 52.17 -46.80
N THR D 300 -25.59 51.45 -47.09
CA THR D 300 -25.28 50.25 -46.33
C THR D 300 -24.60 50.57 -45.00
N SER D 301 -23.91 51.71 -44.96
CA SER D 301 -23.12 52.08 -43.79
C SER D 301 -24.01 52.50 -42.61
N ILE D 302 -25.31 52.56 -42.86
CA ILE D 302 -26.31 52.82 -41.85
C ILE D 302 -26.40 51.63 -40.89
N TYR D 303 -25.99 50.47 -41.36
CA TYR D 303 -26.13 49.23 -40.62
C TYR D 303 -24.99 48.84 -39.68
N LEU D 304 -25.34 48.05 -38.67
CA LEU D 304 -24.34 47.38 -37.84
C LEU D 304 -24.58 45.86 -37.78
N VAL D 305 -23.55 45.13 -37.37
CA VAL D 305 -23.67 43.71 -37.10
C VAL D 305 -23.43 43.48 -35.61
N PHE D 306 -24.12 42.51 -35.03
CA PHE D 306 -23.90 42.17 -33.64
C PHE D 306 -23.92 40.67 -33.38
N ALA D 307 -23.30 40.27 -32.29
CA ALA D 307 -23.36 38.91 -31.82
C ALA D 307 -23.31 38.86 -30.30
N PHE D 308 -24.20 38.07 -29.70
CA PHE D 308 -24.21 37.84 -28.26
C PHE D 308 -23.97 36.34 -27.99
N GLU D 309 -23.40 36.02 -26.84
CA GLU D 309 -23.16 34.61 -26.50
C GLU D 309 -23.92 34.23 -25.24
N LYS D 310 -24.57 33.08 -25.27
CA LYS D 310 -25.27 32.62 -24.07
C LYS D 310 -24.26 32.15 -23.03
N GLN D 311 -24.33 32.72 -21.84
CA GLN D 311 -23.42 32.36 -20.75
C GLN D 311 -23.79 31.02 -20.11
N GLN D 312 -22.84 30.42 -19.41
CA GLN D 312 -23.03 29.09 -18.82
C GLN D 312 -23.64 29.14 -17.43
N SAH E . -1.69 -21.59 15.91
CA SAH E . -1.66 -21.32 14.47
CB SAH E . -2.41 -20.03 14.10
CG SAH E . -2.02 -18.76 14.83
SD SAH E . -2.82 -17.30 14.11
C SAH E . -0.24 -21.34 13.91
O SAH E . 0.75 -21.27 14.63
OXT SAH E . -0.05 -21.43 12.70
C5' SAH E . -3.87 -17.02 15.55
C4' SAH E . -5.12 -17.90 15.62
O4' SAH E . -5.79 -17.76 16.87
C3' SAH E . -6.15 -17.56 14.54
O3' SAH E . -6.49 -18.76 13.89
C2' SAH E . -7.36 -17.08 15.29
O2' SAH E . -8.56 -17.52 14.68
C1' SAH E . -7.18 -17.73 16.64
N9 SAH E . -7.93 -17.01 17.70
C8 SAH E . -8.08 -15.65 17.86
N7 SAH E . -8.84 -15.45 18.96
C5 SAH E . -9.18 -16.67 19.48
C6 SAH E . -9.95 -17.07 20.57
N6 SAH E . -10.53 -16.18 21.36
N1 SAH E . -10.11 -18.42 20.84
C2 SAH E . -9.51 -19.36 20.04
N3 SAH E . -8.77 -18.96 18.95
C4 SAH E . -8.60 -17.65 18.68
N SAH F . -5.29 18.11 -23.61
CA SAH F . -5.68 18.14 -25.02
CB SAH F . -6.77 19.17 -25.26
CG SAH F . -6.43 20.54 -24.70
SD SAH F . -7.64 21.78 -25.19
C SAH F . -4.48 18.43 -25.91
O SAH F . -3.42 18.89 -25.46
OXT SAH F . -4.54 18.19 -27.12
C5' SAH F . -8.43 21.90 -23.56
C4' SAH F . -9.47 20.81 -23.26
O4' SAH F . -9.87 20.90 -21.90
C3' SAH F . -10.73 20.95 -24.11
O3' SAH F . -10.97 19.71 -24.72
C2' SAH F . -11.85 21.19 -23.11
O2' SAH F . -13.04 20.50 -23.45
C1' SAH F . -11.25 20.62 -21.84
N9 SAH F . -11.91 21.14 -20.64
C8 SAH F . -12.27 22.43 -20.37
N7 SAH F . -12.85 22.46 -19.16
C5 SAH F . -12.87 21.21 -18.66
C6 SAH F . -13.32 20.67 -17.47
N6 SAH F . -13.89 21.44 -16.53
N1 SAH F . -13.20 19.32 -17.24
C2 SAH F . -12.60 18.51 -18.18
N3 SAH F . -12.14 19.05 -19.36
C4 SAH F . -12.27 20.38 -19.58
N SAH G . 26.51 -41.24 34.91
CA SAH G . 26.42 -41.06 33.46
CB SAH G . 25.55 -39.87 33.05
CG SAH G . 25.94 -38.51 33.61
SD SAH G . 25.04 -37.15 32.84
C SAH G . 27.80 -40.96 32.80
O SAH G . 28.85 -40.83 33.44
OXT SAH G . 27.91 -41.06 31.58
C5' SAH G . 24.04 -36.86 34.32
C4' SAH G . 22.86 -37.83 34.42
O4' SAH G . 22.18 -37.71 35.66
C3' SAH G . 21.85 -37.56 33.31
O3' SAH G . 21.44 -38.79 32.73
C2' SAH G . 20.69 -36.94 34.04
O2' SAH G . 19.48 -37.21 33.37
C1' SAH G . 20.81 -37.63 35.38
N9 SAH G . 20.06 -36.96 36.46
C8 SAH G . 19.86 -35.61 36.66
N7 SAH G . 19.10 -35.47 37.76
C5 SAH G . 18.83 -36.70 38.26
C6 SAH G . 18.11 -37.13 39.37
N6 SAH G . 17.52 -36.24 40.18
N1 SAH G . 18.02 -38.48 39.63
C2 SAH G . 18.62 -39.39 38.79
N3 SAH G . 19.33 -38.96 37.70
C4 SAH G . 19.43 -37.63 37.45
N SAH H . -34.05 37.77 -42.54
CA SAH H . -34.40 37.81 -43.95
CB SAH H . -35.52 38.83 -44.18
CG SAH H . -35.20 40.25 -43.73
SD SAH H . -36.47 41.44 -44.23
C SAH H . -33.18 38.12 -44.82
O SAH H . -32.11 38.54 -44.33
OXT SAH H . -33.23 37.93 -46.03
C5' SAH H . -37.19 41.63 -42.58
C4' SAH H . -38.13 40.48 -42.21
O4' SAH H . -38.49 40.60 -40.85
C3' SAH H . -39.44 40.49 -43.01
O3' SAH H . -39.65 39.21 -43.54
C2' SAH H . -40.51 40.72 -41.98
O2' SAH H . -41.68 39.99 -42.26
C1' SAH H . -39.84 40.21 -40.73
N9 SAH H . -40.51 40.73 -39.54
C8 SAH H . -40.91 42.01 -39.26
N7 SAH H . -41.49 42.00 -38.04
C5 SAH H . -41.50 40.74 -37.56
C6 SAH H . -41.95 40.16 -36.37
N6 SAH H . -42.57 40.88 -35.43
N1 SAH H . -41.78 38.81 -36.17
C2 SAH H . -41.16 38.04 -37.12
N3 SAH H . -40.72 38.61 -38.28
C4 SAH H . -40.88 39.94 -38.49
#